data_4KAN
#
_entry.id   4KAN
#
_cell.length_a   81.126
_cell.length_b   91.158
_cell.length_c   91.843
_cell.angle_alpha   90.000
_cell.angle_beta   90.000
_cell.angle_gamma   90.000
#
_symmetry.space_group_name_H-M   'P 21 21 21'
#
loop_
_entity.id
_entity.type
_entity.pdbx_description
1 polymer 'Probable sugar kinase protein'
2 non-polymer ADENOSINE
3 non-polymer '(2,5-dimethyl-1,3-thiazol-4-yl)acetic acid'
4 non-polymer 'POTASSIUM ION'
5 water water
#
_entity_poly.entity_id   1
_entity_poly.type   'polypeptide(L)'
_entity_poly.pdbx_seq_one_letter_code
;(MSE)HHHHHHSSGVDLGTENLYFQS(MSE)TRFDVLTVGNAIVDIISRCNDQFLIDNQITKAA(MSE)NLIDAERAELL
YSR(MSE)GPALEASGGSAGNTAAGVANLGGKAAYFGNVAADQLGDIFTHDIRAQGVHYQTKPKGAFPPTARS(MSE)IF
VTEDGERS(MSE)NTYLGACVELGPEDVEADVVADAKVTYFEGYLWDPPRAKEAILDCARIAHQHGRE(MSE)S(MSE)T
LSDSFCVDRYRGEFLDL(MSE)RSGKVDIVFANRQEALSLYQTDDFEEALNRIAADCKIAAVT(MSE)SENGAVILKGRE
RYYVNAIRIREVVDTTGAGDLFASGFLYGYTQGRSLEDCGKLGCLAAGIVIQQIGPRP(MSE)TSLSEAAKQAGLI
;
_entity_poly.pdbx_strand_id   A,B
#
# COMPACT_ATOMS: atom_id res chain seq x y z
N THR A 24 2.43 29.54 19.28
CA THR A 24 1.34 28.59 19.50
CA THR A 24 1.34 28.60 19.51
C THR A 24 1.83 27.18 19.20
N ARG A 25 1.37 26.23 20.01
CA ARG A 25 1.84 24.85 19.87
CA ARG A 25 1.79 24.82 19.90
C ARG A 25 1.54 24.27 18.51
N PHE A 26 0.36 24.56 17.97
CA PHE A 26 -0.08 24.00 16.70
C PHE A 26 -0.58 25.05 15.74
N ASP A 27 -0.28 24.83 14.47
CA ASP A 27 -0.87 25.59 13.38
C ASP A 27 -2.27 25.10 13.03
N VAL A 28 -2.41 23.79 12.84
CA VAL A 28 -3.67 23.21 12.40
C VAL A 28 -3.96 21.93 13.16
N LEU A 29 -5.11 21.91 13.84
CA LEU A 29 -5.67 20.69 14.37
C LEU A 29 -6.74 20.25 13.39
N THR A 30 -6.72 18.99 12.98
CA THR A 30 -7.84 18.46 12.19
C THR A 30 -8.56 17.36 12.97
N VAL A 31 -9.84 17.16 12.65
CA VAL A 31 -10.69 16.18 13.33
C VAL A 31 -11.49 15.47 12.26
N GLY A 32 -11.45 14.15 12.30
CA GLY A 32 -12.18 13.37 11.30
C GLY A 32 -12.28 11.90 11.59
N ASN A 33 -12.86 11.17 10.64
CA ASN A 33 -12.95 9.73 10.72
C ASN A 33 -11.62 9.08 10.40
N ALA A 34 -11.04 8.38 11.39
CA ALA A 34 -9.74 7.71 11.22
C ALA A 34 -9.93 6.41 10.44
N ILE A 35 -9.40 6.37 9.22
CA ILE A 35 -9.66 5.31 8.26
C ILE A 35 -8.38 4.82 7.61
N VAL A 36 -8.28 3.51 7.38
CA VAL A 36 -7.24 2.94 6.53
C VAL A 36 -7.87 2.62 5.18
N ASP A 37 -7.23 3.07 4.10
CA ASP A 37 -7.73 2.81 2.75
C ASP A 37 -7.22 1.49 2.21
N ILE A 38 -8.13 0.82 1.49
CA ILE A 38 -7.83 -0.40 0.76
CA ILE A 38 -7.87 -0.43 0.78
C ILE A 38 -8.12 -0.08 -0.69
N ILE A 39 -7.05 -0.01 -1.48
CA ILE A 39 -7.10 0.62 -2.82
C ILE A 39 -6.88 -0.40 -3.93
N SER A 40 -7.75 -0.37 -4.93
CA SER A 40 -7.63 -1.24 -6.10
C SER A 40 -8.17 -0.51 -7.33
N ARG A 41 -7.65 -0.86 -8.50
CA ARG A 41 -8.20 -0.37 -9.77
C ARG A 41 -9.38 -1.27 -10.17
N CYS A 42 -10.36 -0.68 -10.84
CA CYS A 42 -11.47 -1.47 -11.39
C CYS A 42 -11.92 -0.88 -12.71
N ASN A 43 -12.68 -1.66 -13.47
CA ASN A 43 -13.31 -1.14 -14.69
C ASN A 43 -14.63 -0.46 -14.38
N ASP A 44 -15.16 0.24 -15.36
CA ASP A 44 -16.38 1.01 -15.21
C ASP A 44 -17.56 0.11 -14.84
N GLN A 45 -17.62 -1.07 -15.46
CA GLN A 45 -18.72 -2.01 -15.22
C GLN A 45 -18.75 -2.52 -13.78
N PHE A 46 -17.60 -2.57 -13.12
CA PHE A 46 -17.56 -3.04 -11.74
C PHE A 46 -18.45 -2.16 -10.84
N LEU A 47 -18.39 -0.86 -11.04
CA LEU A 47 -19.17 0.08 -10.22
C LEU A 47 -20.67 -0.13 -10.45
N ILE A 48 -21.04 -0.30 -11.71
CA ILE A 48 -22.43 -0.52 -12.09
C ILE A 48 -22.94 -1.85 -11.52
N ASP A 49 -22.17 -2.92 -11.73
CA ASP A 49 -22.56 -4.23 -11.24
C ASP A 49 -22.75 -4.28 -9.73
N ASN A 50 -21.97 -3.50 -9.00
CA ASN A 50 -22.02 -3.49 -7.54
C ASN A 50 -22.79 -2.31 -6.95
N GLN A 51 -23.44 -1.53 -7.82
CA GLN A 51 -24.26 -0.38 -7.42
C GLN A 51 -23.50 0.54 -6.46
N ILE A 52 -22.27 0.84 -6.85
CA ILE A 52 -21.41 1.81 -6.17
C ILE A 52 -21.53 3.14 -6.90
N THR A 53 -21.91 4.19 -6.17
CA THR A 53 -22.02 5.53 -6.75
C THR A 53 -20.62 6.04 -7.08
N LYS A 54 -20.37 6.31 -8.36
CA LYS A 54 -19.05 6.74 -8.81
C LYS A 54 -18.69 8.09 -8.22
N ALA A 55 -17.41 8.24 -7.83
CA ALA A 55 -16.83 9.49 -7.35
C ALA A 55 -17.30 9.93 -5.96
N ALA A 56 -18.09 9.07 -5.31
CA ALA A 56 -18.72 9.42 -4.03
C ALA A 56 -18.20 8.57 -2.87
N ASN A 58 -19.49 6.20 -0.25
CA ASN A 58 -20.62 5.29 -0.03
C ASN A 58 -20.46 4.63 1.35
N LEU A 59 -21.34 4.91 2.31
CA LEU A 59 -21.29 4.20 3.61
C LEU A 59 -21.78 2.76 3.48
N ILE A 60 -21.11 1.86 4.18
CA ILE A 60 -21.44 0.43 4.11
C ILE A 60 -21.40 -0.20 5.50
N ASP A 61 -22.23 -1.22 5.69
CA ASP A 61 -22.18 -1.98 6.93
C ASP A 61 -21.16 -3.12 6.84
N ALA A 62 -21.03 -3.86 7.93
CA ALA A 62 -20.01 -4.91 8.01
C ALA A 62 -20.25 -5.99 6.96
N GLU A 63 -21.51 -6.38 6.76
CA GLU A 63 -21.85 -7.40 5.78
C GLU A 63 -21.48 -6.98 4.36
N ARG A 64 -21.84 -5.75 4.00
CA ARG A 64 -21.48 -5.21 2.69
C ARG A 64 -19.97 -5.08 2.53
N ALA A 65 -19.26 -4.72 3.60
CA ALA A 65 -17.81 -4.63 3.52
C ALA A 65 -17.19 -5.98 3.14
N GLU A 66 -17.69 -7.05 3.75
CA GLU A 66 -17.22 -8.40 3.45
CA GLU A 66 -17.21 -8.39 3.44
C GLU A 66 -17.53 -8.75 1.99
N LEU A 67 -18.74 -8.43 1.54
CA LEU A 67 -19.16 -8.75 0.19
C LEU A 67 -18.29 -8.04 -0.82
N LEU A 68 -18.13 -6.73 -0.65
CA LEU A 68 -17.35 -5.95 -1.59
C LEU A 68 -15.90 -6.40 -1.59
N TYR A 69 -15.35 -6.67 -0.41
CA TYR A 69 -13.96 -7.14 -0.34
C TYR A 69 -13.79 -8.44 -1.11
N SER A 70 -14.76 -9.35 -0.99
CA SER A 70 -14.68 -10.64 -1.67
C SER A 70 -14.65 -10.50 -3.20
N ARG A 71 -15.16 -9.38 -3.70
CA ARG A 71 -15.17 -9.08 -5.14
C ARG A 71 -14.03 -8.20 -5.62
N GLY A 73 -10.22 -6.88 -6.33
CA GLY A 73 -8.96 -7.46 -6.72
C GLY A 73 -7.88 -7.27 -5.66
N PRO A 74 -6.66 -7.75 -5.95
CA PRO A 74 -5.51 -7.49 -5.06
C PRO A 74 -5.42 -5.99 -4.78
N ALA A 75 -5.11 -5.63 -3.55
CA ALA A 75 -5.19 -4.25 -3.12
C ALA A 75 -3.91 -3.80 -2.42
N LEU A 76 -3.81 -2.49 -2.25
CA LEU A 76 -2.76 -1.83 -1.49
CA LEU A 76 -2.75 -1.87 -1.44
C LEU A 76 -3.43 -1.13 -0.31
N GLU A 77 -2.78 -1.12 0.86
CA GLU A 77 -3.31 -0.36 1.99
C GLU A 77 -2.49 0.87 2.28
N ALA A 78 -3.18 1.95 2.61
CA ALA A 78 -2.54 3.19 2.98
C ALA A 78 -3.42 3.92 3.97
N SER A 79 -2.81 4.51 4.99
CA SER A 79 -3.57 5.37 5.90
C SER A 79 -4.31 6.45 5.15
N GLY A 80 -5.57 6.64 5.50
CA GLY A 80 -6.42 7.65 4.89
C GLY A 80 -7.17 8.49 5.91
N GLY A 81 -8.44 8.74 5.65
CA GLY A 81 -9.26 9.64 6.46
C GLY A 81 -9.03 11.05 5.94
N SER A 82 -10.09 11.70 5.51
CA SER A 82 -9.93 13.01 4.88
CA SER A 82 -9.95 13.03 4.89
C SER A 82 -9.13 14.00 5.74
N ALA A 83 -9.57 14.23 6.98
CA ALA A 83 -8.87 15.14 7.89
C ALA A 83 -7.47 14.62 8.28
N GLY A 84 -7.33 13.30 8.33
CA GLY A 84 -6.03 12.69 8.61
C GLY A 84 -5.04 13.06 7.53
N ASN A 85 -5.46 12.90 6.28
CA ASN A 85 -4.67 13.31 5.11
C ASN A 85 -4.31 14.79 5.18
N THR A 86 -5.28 15.63 5.53
CA THR A 86 -5.03 17.06 5.65
C THR A 86 -3.98 17.37 6.70
N ALA A 87 -4.08 16.74 7.88
CA ALA A 87 -3.09 16.98 8.94
C ALA A 87 -1.71 16.53 8.49
N ALA A 88 -1.63 15.35 7.85
CA ALA A 88 -0.37 14.83 7.32
C ALA A 88 0.23 15.81 6.33
N GLY A 89 -0.60 16.39 5.47
CA GLY A 89 -0.11 17.36 4.48
C GLY A 89 0.47 18.64 5.07
N VAL A 90 -0.21 19.15 6.10
CA VAL A 90 0.29 20.31 6.83
C VAL A 90 1.69 20.02 7.41
N ALA A 91 1.85 18.86 8.04
CA ALA A 91 3.14 18.47 8.63
C ALA A 91 4.20 18.35 7.55
N ASN A 92 3.83 17.73 6.43
CA ASN A 92 4.73 17.57 5.28
C ASN A 92 5.25 18.93 4.79
N LEU A 93 4.35 19.91 4.71
CA LEU A 93 4.73 21.28 4.31
C LEU A 93 5.63 22.01 5.30
N GLY A 94 5.66 21.54 6.54
CA GLY A 94 6.52 22.10 7.59
C GLY A 94 5.76 22.72 8.75
N GLY A 95 4.43 22.68 8.68
CA GLY A 95 3.61 23.25 9.74
C GLY A 95 3.48 22.30 10.90
N LYS A 96 2.90 22.79 11.98
CA LYS A 96 2.70 22.00 13.19
C LYS A 96 1.25 21.54 13.25
N ALA A 97 1.05 20.23 13.14
CA ALA A 97 -0.30 19.69 13.03
C ALA A 97 -0.64 18.71 14.16
N ALA A 98 -1.92 18.65 14.49
CA ALA A 98 -2.45 17.69 15.44
C ALA A 98 -3.70 17.07 14.82
N TYR A 99 -4.12 15.92 15.33
CA TYR A 99 -5.27 15.20 14.79
C TYR A 99 -6.05 14.53 15.90
N PHE A 100 -7.39 14.63 15.84
CA PHE A 100 -8.28 13.80 16.68
C PHE A 100 -9.03 12.85 15.76
N GLY A 101 -9.03 11.57 16.11
CA GLY A 101 -9.78 10.55 15.37
C GLY A 101 -9.62 9.23 16.10
N ASN A 102 -10.65 8.38 16.04
CA ASN A 102 -10.66 7.18 16.84
C ASN A 102 -10.47 5.93 16.02
N VAL A 103 -9.39 5.20 16.32
CA VAL A 103 -9.18 3.86 15.81
C VAL A 103 -9.45 2.80 16.91
N ALA A 104 -9.40 1.54 16.51
CA ALA A 104 -9.44 0.43 17.46
C ALA A 104 -8.04 -0.08 17.81
N ALA A 105 -7.98 -0.90 18.85
CA ALA A 105 -6.74 -1.54 19.30
C ALA A 105 -6.52 -2.81 18.47
N ASP A 106 -6.18 -2.62 17.21
CA ASP A 106 -5.97 -3.71 16.27
C ASP A 106 -4.89 -3.31 15.29
N GLN A 107 -4.56 -4.20 14.36
CA GLN A 107 -3.43 -3.97 13.46
C GLN A 107 -3.64 -2.79 12.54
N LEU A 108 -4.84 -2.64 12.00
CA LEU A 108 -5.14 -1.48 11.16
C LEU A 108 -5.05 -0.17 11.95
N GLY A 109 -5.49 -0.19 13.21
CA GLY A 109 -5.36 0.97 14.07
C GLY A 109 -3.90 1.30 14.36
N ASP A 110 -3.08 0.26 14.54
CA ASP A 110 -1.65 0.47 14.79
C ASP A 110 -0.98 1.09 13.56
N ILE A 111 -1.36 0.62 12.39
CA ILE A 111 -0.87 1.20 11.12
C ILE A 111 -1.26 2.67 11.01
N PHE A 112 -2.54 2.97 11.24
CA PHE A 112 -3.01 4.35 11.20
C PHE A 112 -2.23 5.24 12.17
N THR A 113 -2.08 4.76 13.41
CA THR A 113 -1.38 5.51 14.44
C THR A 113 0.08 5.76 14.02
N HIS A 114 0.74 4.71 13.52
CA HIS A 114 2.11 4.83 13.10
C HIS A 114 2.25 5.88 12.00
N ASP A 115 1.40 5.80 10.97
CA ASP A 115 1.64 6.63 9.77
C ASP A 115 1.47 8.10 10.05
N ILE A 116 0.45 8.46 10.83
CA ILE A 116 0.22 9.86 11.11
C ILE A 116 1.28 10.44 12.07
N ARG A 117 1.64 9.67 13.11
N ARG A 117 1.65 9.68 13.10
CA ARG A 117 2.69 10.08 14.04
CA ARG A 117 2.71 10.14 14.00
C ARG A 117 4.07 10.18 13.35
C ARG A 117 4.05 10.23 13.28
N ALA A 118 4.32 9.28 12.40
CA ALA A 118 5.60 9.24 11.67
C ALA A 118 5.77 10.46 10.77
N GLN A 119 4.66 11.06 10.37
CA GLN A 119 4.68 12.27 9.55
C GLN A 119 4.91 13.51 10.43
N GLY A 120 4.85 13.35 11.74
CA GLY A 120 5.14 14.43 12.68
C GLY A 120 3.89 15.15 13.18
N VAL A 121 2.74 14.46 13.06
CA VAL A 121 1.47 14.95 13.55
C VAL A 121 1.28 14.48 15.00
N HIS A 122 0.85 15.38 15.89
CA HIS A 122 0.46 15.02 17.27
C HIS A 122 -0.83 14.23 17.16
N TYR A 123 -0.78 12.97 17.56
CA TYR A 123 -1.96 12.11 17.54
C TYR A 123 -2.01 11.25 18.80
N GLN A 124 -2.97 11.56 19.66
CA GLN A 124 -3.04 10.97 21.00
C GLN A 124 -4.40 10.42 21.39
N THR A 125 -5.33 10.35 20.44
CA THR A 125 -6.63 9.73 20.68
C THR A 125 -6.46 8.23 20.96
N LYS A 126 -6.89 7.79 22.14
CA LYS A 126 -6.65 6.44 22.60
C LYS A 126 -7.77 5.51 22.14
N PRO A 127 -7.41 4.32 21.59
CA PRO A 127 -8.47 3.36 21.29
C PRO A 127 -9.22 2.95 22.54
N LYS A 128 -10.50 2.60 22.36
CA LYS A 128 -11.34 2.19 23.50
C LYS A 128 -11.43 0.68 23.68
N GLY A 129 -10.91 -0.04 22.70
CA GLY A 129 -10.96 -1.51 22.68
C GLY A 129 -10.72 -1.96 21.26
N ALA A 130 -10.89 -3.25 21.02
CA ALA A 130 -10.72 -3.84 19.69
C ALA A 130 -11.98 -3.86 18.82
N PHE A 131 -13.16 -3.68 19.44
CA PHE A 131 -14.43 -3.75 18.73
CA PHE A 131 -14.43 -3.71 18.69
C PHE A 131 -15.35 -2.56 19.05
N PRO A 132 -15.94 -1.91 18.02
CA PRO A 132 -15.78 -2.19 16.57
C PRO A 132 -14.35 -1.98 16.09
N PRO A 133 -13.95 -2.69 15.03
CA PRO A 133 -12.57 -2.56 14.56
C PRO A 133 -12.33 -1.23 13.85
N THR A 134 -11.06 -0.97 13.53
CA THR A 134 -10.68 0.27 12.87
C THR A 134 -11.39 0.43 11.53
N ALA A 135 -11.86 1.64 11.26
CA ALA A 135 -12.54 1.92 10.00
C ALA A 135 -11.65 1.64 8.81
N ARG A 136 -12.26 1.16 7.73
CA ARG A 136 -11.55 1.02 6.46
C ARG A 136 -12.45 1.41 5.31
N SER A 137 -11.83 1.87 4.25
CA SER A 137 -12.57 2.30 3.07
C SER A 137 -12.00 1.61 1.86
N ILE A 139 -11.52 1.68 -1.79
CA ILE A 139 -11.49 2.75 -2.75
C ILE A 139 -11.14 2.16 -4.11
N PHE A 140 -12.09 2.28 -5.04
CA PHE A 140 -11.95 1.76 -6.38
C PHE A 140 -11.61 2.89 -7.34
N VAL A 141 -10.48 2.75 -8.02
CA VAL A 141 -9.98 3.80 -8.89
C VAL A 141 -10.21 3.36 -10.33
N THR A 142 -11.02 4.11 -11.05
CA THR A 142 -11.31 3.82 -12.46
C THR A 142 -10.21 4.38 -13.38
N GLU A 143 -10.26 4.03 -14.66
CA GLU A 143 -9.19 4.38 -15.60
C GLU A 143 -8.99 5.89 -15.75
N ASP A 144 -10.05 6.65 -15.51
CA ASP A 144 -10.00 8.11 -15.55
C ASP A 144 -9.35 8.74 -14.31
N GLY A 145 -8.95 7.90 -13.37
CA GLY A 145 -8.35 8.39 -12.12
C GLY A 145 -9.36 8.78 -11.05
N GLU A 146 -10.65 8.72 -11.35
CA GLU A 146 -11.67 8.97 -10.33
C GLU A 146 -11.68 7.87 -9.25
N ARG A 147 -12.06 8.26 -8.05
CA ARG A 147 -12.10 7.31 -6.93
CA ARG A 147 -12.10 7.33 -6.92
C ARG A 147 -13.51 7.19 -6.32
N SER A 148 -13.91 5.95 -6.05
CA SER A 148 -15.23 5.69 -5.49
C SER A 148 -15.01 4.90 -4.20
N ASN A 150 -15.90 3.24 -0.38
CA ASN A 150 -16.91 2.40 0.26
C ASN A 150 -16.46 2.15 1.68
N THR A 151 -17.07 2.88 2.61
CA THR A 151 -16.47 3.07 3.93
C THR A 151 -17.29 2.41 5.03
N TYR A 152 -16.62 1.52 5.78
CA TYR A 152 -17.16 0.94 7.00
C TYR A 152 -16.58 1.73 8.16
N LEU A 153 -17.44 2.43 8.88
CA LEU A 153 -16.96 3.38 9.89
C LEU A 153 -16.34 2.74 11.13
N GLY A 154 -16.76 1.53 11.48
CA GLY A 154 -16.14 0.82 12.62
C GLY A 154 -15.99 1.68 13.86
N ALA A 155 -14.78 1.74 14.40
CA ALA A 155 -14.47 2.50 15.61
C ALA A 155 -14.71 4.02 15.53
N CYS A 156 -14.86 4.56 14.31
CA CYS A 156 -15.21 5.97 14.15
C CYS A 156 -16.51 6.34 14.84
N VAL A 157 -17.42 5.37 15.02
CA VAL A 157 -18.68 5.69 15.68
C VAL A 157 -18.50 6.04 17.17
N GLU A 158 -17.32 5.73 17.72
CA GLU A 158 -17.04 5.98 19.13
C GLU A 158 -16.42 7.36 19.41
N LEU A 159 -16.09 8.13 18.37
CA LEU A 159 -15.52 9.47 18.60
C LEU A 159 -16.56 10.40 19.22
N GLY A 160 -16.17 11.07 20.31
CA GLY A 160 -17.08 11.95 21.02
C GLY A 160 -16.35 12.99 21.84
N PRO A 161 -17.09 13.75 22.67
CA PRO A 161 -16.51 14.85 23.43
C PRO A 161 -15.34 14.45 24.32
N GLU A 162 -15.33 13.19 24.77
CA GLU A 162 -14.26 12.67 25.63
C GLU A 162 -12.91 12.63 24.89
N ASP A 163 -12.96 12.77 23.56
CA ASP A 163 -11.75 12.71 22.74
C ASP A 163 -11.19 14.08 22.40
N VAL A 164 -11.84 15.12 22.90
CA VAL A 164 -11.34 16.50 22.72
C VAL A 164 -10.23 16.78 23.72
N GLU A 165 -9.02 17.01 23.22
CA GLU A 165 -7.91 17.46 24.05
C GLU A 165 -8.01 18.98 24.07
N ALA A 166 -8.61 19.51 25.14
CA ALA A 166 -8.97 20.93 25.18
C ALA A 166 -7.77 21.88 25.02
N ASP A 167 -6.63 21.50 25.62
CA ASP A 167 -5.41 22.28 25.50
C ASP A 167 -4.92 22.36 24.05
N VAL A 168 -5.13 21.28 23.29
CA VAL A 168 -4.70 21.26 21.89
C VAL A 168 -5.56 22.19 21.06
N VAL A 169 -6.89 22.14 21.26
CA VAL A 169 -7.79 23.07 20.57
C VAL A 169 -7.44 24.53 20.91
N ALA A 170 -7.25 24.78 22.21
CA ALA A 170 -6.90 26.12 22.70
C ALA A 170 -5.62 26.66 22.09
N ASP A 171 -4.69 25.76 21.77
CA ASP A 171 -3.32 26.09 21.30
C ASP A 171 -3.14 25.85 19.80
N ALA A 172 -4.24 25.71 19.07
CA ALA A 172 -4.17 25.57 17.61
C ALA A 172 -4.71 26.77 16.87
N LYS A 173 -3.97 27.25 15.87
CA LYS A 173 -4.39 28.47 15.19
C LYS A 173 -5.71 28.24 14.47
N VAL A 174 -5.85 27.06 13.85
CA VAL A 174 -7.06 26.67 13.15
C VAL A 174 -7.41 25.23 13.56
N THR A 175 -8.69 25.01 13.86
CA THR A 175 -9.26 23.67 14.01
C THR A 175 -10.16 23.43 12.81
N TYR A 176 -9.87 22.36 12.07
CA TYR A 176 -10.57 22.00 10.82
C TYR A 176 -11.21 20.63 10.98
N PHE A 177 -12.44 20.48 10.50
CA PHE A 177 -13.14 19.20 10.62
C PHE A 177 -13.91 18.81 9.37
N GLU A 178 -14.20 17.51 9.26
CA GLU A 178 -14.96 16.98 8.12
C GLU A 178 -16.47 17.09 8.29
N GLY A 179 -17.15 17.49 7.23
CA GLY A 179 -18.60 17.27 7.14
C GLY A 179 -18.97 15.80 7.35
N TYR A 180 -18.05 14.90 6.98
CA TYR A 180 -18.24 13.47 7.12
C TYR A 180 -18.50 13.08 8.59
N LEU A 181 -18.08 13.93 9.54
CA LEU A 181 -18.30 13.64 10.96
C LEU A 181 -19.76 13.66 11.38
N TRP A 182 -20.63 14.12 10.49
CA TRP A 182 -22.06 14.16 10.81
C TRP A 182 -22.73 12.79 10.68
N ASP A 183 -22.06 11.83 10.03
CA ASP A 183 -22.58 10.46 9.94
C ASP A 183 -22.52 9.69 11.27
N PRO A 184 -21.33 9.58 11.91
CA PRO A 184 -21.30 8.89 13.23
C PRO A 184 -22.09 9.67 14.29
N PRO A 185 -22.48 9.01 15.41
CA PRO A 185 -23.52 9.66 16.21
C PRO A 185 -23.10 10.82 17.10
N ARG A 186 -21.93 10.75 17.70
CA ARG A 186 -21.56 11.70 18.74
C ARG A 186 -20.46 12.64 18.33
N ALA A 187 -19.92 12.47 17.13
CA ALA A 187 -18.77 13.28 16.71
C ALA A 187 -19.12 14.77 16.67
N LYS A 188 -20.34 15.08 16.27
CA LYS A 188 -20.77 16.47 16.19
C LYS A 188 -20.71 17.19 17.53
N GLU A 189 -20.95 16.46 18.62
CA GLU A 189 -20.84 17.02 19.96
C GLU A 189 -19.40 17.41 20.26
N ALA A 190 -18.45 16.59 19.83
CA ALA A 190 -17.03 16.93 19.96
C ALA A 190 -16.71 18.20 19.18
N ILE A 191 -17.25 18.32 17.97
CA ILE A 191 -17.00 19.50 17.14
C ILE A 191 -17.57 20.77 17.77
N LEU A 192 -18.79 20.69 18.32
CA LEU A 192 -19.37 21.85 18.98
C LEU A 192 -18.52 22.28 20.19
N ASP A 193 -17.97 21.30 20.91
CA ASP A 193 -17.04 21.60 22.00
C ASP A 193 -15.78 22.29 21.49
N CYS A 194 -15.22 21.77 20.40
CA CYS A 194 -14.06 22.37 19.74
C CYS A 194 -14.32 23.82 19.35
N ALA A 195 -15.48 24.07 18.73
CA ALA A 195 -15.82 25.42 18.28
C ALA A 195 -15.85 26.40 19.44
N ARG A 196 -16.41 25.97 20.57
CA ARG A 196 -16.47 26.80 21.77
C ARG A 196 -15.06 27.14 22.28
N ILE A 197 -14.22 26.13 22.40
CA ILE A 197 -12.86 26.33 22.92
C ILE A 197 -12.03 27.18 21.97
N ALA A 198 -12.07 26.84 20.68
CA ALA A 198 -11.31 27.58 19.67
C ALA A 198 -11.66 29.06 19.70
N HIS A 199 -12.96 29.36 19.68
CA HIS A 199 -13.38 30.74 19.61
C HIS A 199 -13.14 31.50 20.92
N GLN A 200 -13.22 30.81 22.06
CA GLN A 200 -12.87 31.43 23.34
C GLN A 200 -11.38 31.80 23.45
N HIS A 201 -10.56 31.12 22.66
CA HIS A 201 -9.12 31.36 22.65
C HIS A 201 -8.68 32.12 21.39
N GLY A 202 -9.64 32.69 20.68
CA GLY A 202 -9.35 33.58 19.55
C GLY A 202 -8.83 32.88 18.32
N ARG A 203 -9.14 31.58 18.21
CA ARG A 203 -8.71 30.75 17.09
C ARG A 203 -9.78 30.70 16.01
N GLU A 204 -9.44 30.11 14.87
CA GLU A 204 -10.36 29.97 13.73
C GLU A 204 -10.89 28.56 13.63
N SER A 206 -12.71 25.75 10.92
CA SER A 206 -12.84 25.48 9.51
C SER A 206 -13.50 24.14 9.27
N THR A 208 -14.71 21.23 5.93
CA THR A 208 -14.93 20.86 4.55
C THR A 208 -16.32 20.24 4.40
N LEU A 209 -16.98 20.56 3.29
CA LEU A 209 -18.29 19.94 2.98
C LEU A 209 -18.19 18.45 2.64
N SER A 210 -16.97 17.97 2.38
CA SER A 210 -16.60 16.55 2.27
C SER A 210 -17.04 15.83 0.99
N ASP A 211 -18.34 15.87 0.71
CA ASP A 211 -18.90 15.03 -0.37
C ASP A 211 -20.30 15.55 -0.66
N SER A 212 -20.69 15.58 -1.93
CA SER A 212 -21.99 16.17 -2.29
C SER A 212 -23.19 15.42 -1.71
N PHE A 213 -23.08 14.10 -1.55
CA PHE A 213 -24.15 13.34 -0.91
C PHE A 213 -24.17 13.58 0.59
N CYS A 214 -22.99 13.78 1.18
CA CYS A 214 -22.91 14.18 2.59
C CYS A 214 -23.65 15.52 2.79
N VAL A 215 -23.44 16.46 1.87
CA VAL A 215 -24.17 17.72 1.88
C VAL A 215 -25.68 17.45 1.72
N ASP A 216 -26.06 16.52 0.85
CA ASP A 216 -27.48 16.17 0.72
C ASP A 216 -28.05 15.76 2.09
N ARG A 217 -27.25 15.04 2.89
CA ARG A 217 -27.74 14.53 4.19
C ARG A 217 -27.84 15.60 5.28
N TYR A 218 -26.96 16.58 5.24
CA TYR A 218 -26.75 17.51 6.37
C TYR A 218 -26.74 18.98 5.99
N ARG A 219 -27.31 19.29 4.82
CA ARG A 219 -27.41 20.63 4.28
C ARG A 219 -27.78 21.68 5.32
N GLY A 220 -28.91 21.47 6.02
CA GLY A 220 -29.39 22.45 6.99
C GLY A 220 -28.42 22.65 8.14
N GLU A 221 -27.86 21.54 8.65
CA GLU A 221 -26.93 21.62 9.76
C GLU A 221 -25.64 22.33 9.36
N PHE A 222 -25.16 22.06 8.14
CA PHE A 222 -23.96 22.73 7.66
C PHE A 222 -24.19 24.23 7.52
N LEU A 223 -25.32 24.62 6.94
CA LEU A 223 -25.64 26.05 6.78
C LEU A 223 -25.76 26.74 8.15
N ASP A 224 -26.31 26.03 9.13
CA ASP A 224 -26.41 26.58 10.48
C ASP A 224 -25.03 26.78 11.11
N LEU A 225 -24.12 25.84 10.88
CA LEU A 225 -22.74 25.99 11.38
C LEU A 225 -22.11 27.27 10.85
N ARG A 227 -23.73 30.00 9.26
CA ARG A 227 -24.48 31.21 9.58
C ARG A 227 -24.42 31.63 11.05
N SER A 228 -24.25 30.66 11.95
CA SER A 228 -24.12 30.96 13.38
C SER A 228 -22.69 31.36 13.74
N GLY A 229 -21.76 31.23 12.78
CA GLY A 229 -20.36 31.59 13.01
C GLY A 229 -19.55 30.55 13.77
N LYS A 230 -20.07 29.34 13.89
CA LYS A 230 -19.31 28.24 14.47
C LYS A 230 -18.17 27.81 13.55
N VAL A 231 -18.35 28.01 12.24
CA VAL A 231 -17.32 27.78 11.22
C VAL A 231 -16.98 29.11 10.57
N ASP A 232 -15.68 29.39 10.45
CA ASP A 232 -15.18 30.63 9.87
C ASP A 232 -14.73 30.46 8.43
N ILE A 233 -14.11 29.32 8.14
CA ILE A 233 -13.52 29.07 6.82
C ILE A 233 -14.11 27.75 6.30
N VAL A 234 -14.77 27.78 5.14
CA VAL A 234 -15.41 26.60 4.53
CA VAL A 234 -15.38 26.59 4.56
C VAL A 234 -14.70 26.20 3.24
N PHE A 235 -14.42 24.90 3.12
CA PHE A 235 -13.90 24.29 1.89
C PHE A 235 -15.01 23.54 1.17
N ALA A 236 -15.11 23.74 -0.14
CA ALA A 236 -16.09 23.06 -0.98
C ALA A 236 -15.46 22.77 -2.33
N ASN A 237 -15.94 21.74 -3.00
CA ASN A 237 -15.73 21.66 -4.44
C ASN A 237 -17.00 22.10 -5.16
N ARG A 238 -16.97 22.09 -6.49
CA ARG A 238 -18.10 22.56 -7.29
C ARG A 238 -19.39 21.83 -6.96
N GLN A 239 -19.30 20.50 -6.92
CA GLN A 239 -20.46 19.63 -6.68
C GLN A 239 -21.06 19.88 -5.30
N GLU A 240 -20.18 20.08 -4.32
CA GLU A 240 -20.65 20.35 -2.95
C GLU A 240 -21.32 21.71 -2.82
N ALA A 241 -20.76 22.72 -3.50
CA ALA A 241 -21.33 24.07 -3.48
C ALA A 241 -22.71 24.08 -4.11
N LEU A 242 -22.83 23.38 -5.25
CA LEU A 242 -24.12 23.24 -5.94
C LEU A 242 -25.12 22.53 -5.04
N SER A 243 -24.67 21.45 -4.41
N SER A 243 -24.68 21.45 -4.40
CA SER A 243 -25.53 20.67 -3.52
CA SER A 243 -25.54 20.67 -3.51
C SER A 243 -25.99 21.48 -2.30
C SER A 243 -25.99 21.48 -2.30
N LEU A 244 -25.10 22.31 -1.78
CA LEU A 244 -25.40 23.09 -0.58
C LEU A 244 -26.65 23.95 -0.75
N TYR A 245 -26.82 24.51 -1.95
CA TYR A 245 -27.95 25.39 -2.27
C TYR A 245 -28.97 24.76 -3.24
N GLN A 246 -28.78 23.47 -3.51
CA GLN A 246 -29.64 22.71 -4.45
C GLN A 246 -29.86 23.45 -5.76
N THR A 247 -28.77 23.98 -6.30
CA THR A 247 -28.81 24.78 -7.50
C THR A 247 -27.96 24.14 -8.59
N ASP A 248 -28.27 24.44 -9.84
CA ASP A 248 -27.35 24.11 -10.93
C ASP A 248 -26.58 25.33 -11.43
N ASP A 249 -26.74 26.45 -10.73
CA ASP A 249 -26.09 27.72 -11.09
C ASP A 249 -24.88 27.93 -10.18
N PHE A 250 -23.69 27.66 -10.71
CA PHE A 250 -22.46 27.78 -9.93
C PHE A 250 -22.21 29.21 -9.44
N GLU A 251 -22.51 30.20 -10.27
CA GLU A 251 -22.36 31.60 -9.84
C GLU A 251 -23.25 31.93 -8.64
N GLU A 252 -24.48 31.43 -8.66
CA GLU A 252 -25.39 31.58 -7.52
C GLU A 252 -24.77 30.94 -6.28
N ALA A 253 -24.27 29.72 -6.44
CA ALA A 253 -23.64 29.01 -5.33
C ALA A 253 -22.45 29.79 -4.74
N LEU A 254 -21.63 30.40 -5.59
CA LEU A 254 -20.51 31.22 -5.12
C LEU A 254 -20.99 32.43 -4.36
N ASN A 255 -21.97 33.13 -4.91
CA ASN A 255 -22.54 34.29 -4.24
C ASN A 255 -23.12 33.94 -2.87
N ARG A 256 -23.85 32.83 -2.81
CA ARG A 256 -24.48 32.40 -1.58
C ARG A 256 -23.46 31.94 -0.53
N ILE A 257 -22.47 31.16 -0.96
CA ILE A 257 -21.49 30.65 0.01
C ILE A 257 -20.68 31.81 0.59
N ALA A 258 -20.41 32.83 -0.21
CA ALA A 258 -19.68 34.01 0.25
C ALA A 258 -20.48 34.79 1.30
N ALA A 259 -21.81 34.76 1.18
CA ALA A 259 -22.69 35.44 2.13
C ALA A 259 -22.82 34.63 3.42
N ASP A 260 -22.56 33.33 3.35
CA ASP A 260 -22.81 32.42 4.49
C ASP A 260 -21.62 32.13 5.41
N CYS A 261 -20.41 32.47 4.99
CA CYS A 261 -19.25 32.24 5.84
CA CYS A 261 -19.20 32.17 5.76
C CYS A 261 -18.19 33.31 5.60
N LYS A 262 -17.27 33.44 6.55
CA LYS A 262 -16.28 34.52 6.46
C LYS A 262 -15.33 34.35 5.27
N ILE A 263 -14.77 33.15 5.13
CA ILE A 263 -13.94 32.80 3.99
C ILE A 263 -14.41 31.46 3.41
N ALA A 264 -14.57 31.41 2.09
CA ALA A 264 -14.87 30.15 1.40
C ALA A 264 -13.78 29.85 0.37
N ALA A 265 -13.31 28.61 0.37
CA ALA A 265 -12.32 28.18 -0.60
C ALA A 265 -12.97 27.08 -1.44
N VAL A 266 -13.18 27.39 -2.72
CA VAL A 266 -13.96 26.53 -3.60
C VAL A 266 -13.09 26.01 -4.73
N THR A 267 -12.95 24.69 -4.78
CA THR A 267 -12.11 24.06 -5.80
C THR A 267 -12.93 23.65 -7.01
N SER A 269 -11.65 21.29 -9.46
CA SER A 269 -10.85 20.20 -10.04
C SER A 269 -9.72 20.70 -10.95
N GLU A 270 -9.71 20.26 -12.21
CA GLU A 270 -8.70 20.67 -13.19
C GLU A 270 -8.80 22.16 -13.57
N ASN A 271 -9.88 22.82 -13.16
CA ASN A 271 -10.14 24.20 -13.52
C ASN A 271 -9.77 25.23 -12.45
N GLY A 272 -8.98 24.79 -11.47
CA GLY A 272 -8.43 25.67 -10.45
C GLY A 272 -9.30 25.83 -9.22
N ALA A 273 -9.27 27.03 -8.64
CA ALA A 273 -9.96 27.32 -7.39
C ALA A 273 -10.30 28.81 -7.28
N VAL A 274 -11.23 29.12 -6.40
CA VAL A 274 -11.59 30.51 -6.12
C VAL A 274 -11.76 30.68 -4.62
N ILE A 275 -11.13 31.72 -4.09
CA ILE A 275 -11.20 32.04 -2.67
C ILE A 275 -12.09 33.26 -2.51
N LEU A 276 -13.08 33.16 -1.64
CA LEU A 276 -14.05 34.24 -1.46
C LEU A 276 -13.96 34.76 -0.03
N LYS A 277 -13.94 36.09 0.10
CA LYS A 277 -14.03 36.74 1.40
C LYS A 277 -14.85 38.01 1.22
N GLY A 278 -16.09 37.99 1.70
CA GLY A 278 -16.99 39.11 1.51
C GLY A 278 -17.28 39.29 0.03
N ARG A 279 -16.91 40.45 -0.51
CA ARG A 279 -17.05 40.74 -1.92
C ARG A 279 -15.79 40.42 -2.72
N GLU A 280 -14.70 40.09 -2.03
CA GLU A 280 -13.43 39.78 -2.68
C GLU A 280 -13.45 38.35 -3.25
N ARG A 281 -12.86 38.20 -4.43
CA ARG A 281 -12.65 36.89 -5.05
C ARG A 281 -11.21 36.80 -5.53
N TYR A 282 -10.55 35.69 -5.21
CA TYR A 282 -9.18 35.44 -5.65
C TYR A 282 -9.11 34.09 -6.37
N TYR A 283 -8.87 34.14 -7.68
CA TYR A 283 -8.81 32.93 -8.50
C TYR A 283 -7.41 32.39 -8.61
N VAL A 284 -7.31 31.06 -8.62
CA VAL A 284 -6.04 30.35 -8.76
C VAL A 284 -6.15 29.34 -9.91
N ASN A 285 -5.06 29.13 -10.65
CA ASN A 285 -4.98 28.05 -11.66
C ASN A 285 -4.58 26.71 -11.05
N ALA A 286 -5.07 25.61 -11.62
CA ALA A 286 -4.58 24.28 -11.26
C ALA A 286 -3.17 24.08 -11.83
N ILE A 287 -2.36 23.23 -11.19
CA ILE A 287 -1.00 22.98 -11.70
C ILE A 287 -1.05 22.05 -12.93
N ARG A 288 0.09 21.85 -13.58
CA ARG A 288 0.15 20.98 -14.75
C ARG A 288 0.41 19.54 -14.34
N ILE A 289 -0.29 18.63 -15.00
CA ILE A 289 -0.17 17.20 -14.71
C ILE A 289 0.35 16.50 -15.96
N ARG A 290 1.23 15.52 -15.77
CA ARG A 290 1.60 14.59 -16.84
C ARG A 290 0.39 13.68 -17.07
N GLU A 291 -0.08 13.09 -15.98
CA GLU A 291 -1.18 12.14 -15.98
C GLU A 291 -1.77 12.06 -14.58
N VAL A 292 -3.10 12.04 -14.51
CA VAL A 292 -3.80 11.89 -13.24
C VAL A 292 -3.93 10.41 -12.90
N VAL A 293 -3.10 9.97 -11.95
CA VAL A 293 -3.04 8.58 -11.50
C VAL A 293 -4.26 8.19 -10.66
N ASP A 294 -4.53 8.98 -9.62
CA ASP A 294 -5.54 8.64 -8.62
C ASP A 294 -5.92 9.95 -7.93
N THR A 295 -7.19 10.37 -8.03
CA THR A 295 -7.59 11.66 -7.46
C THR A 295 -7.81 11.64 -5.94
N THR A 296 -7.70 10.47 -5.32
CA THR A 296 -7.91 10.34 -3.88
C THR A 296 -7.01 11.29 -3.11
N GLY A 297 -7.62 12.10 -2.27
CA GLY A 297 -6.89 13.03 -1.41
C GLY A 297 -6.74 14.44 -1.96
N ALA A 298 -7.19 14.68 -3.19
CA ALA A 298 -6.97 15.99 -3.84
C ALA A 298 -7.53 17.13 -3.00
N GLY A 299 -8.81 17.03 -2.62
CA GLY A 299 -9.42 18.06 -1.78
C GLY A 299 -8.76 18.17 -0.42
N ASP A 300 -8.34 17.02 0.13
CA ASP A 300 -7.72 17.02 1.45
C ASP A 300 -6.43 17.80 1.43
N LEU A 301 -5.65 17.58 0.37
CA LEU A 301 -4.36 18.24 0.25
C LEU A 301 -4.48 19.69 -0.19
N PHE A 302 -5.53 20.03 -0.94
CA PHE A 302 -5.85 21.44 -1.13
C PHE A 302 -6.02 22.16 0.22
N ALA A 303 -6.77 21.53 1.12
CA ALA A 303 -6.94 22.10 2.44
C ALA A 303 -5.62 22.19 3.21
N SER A 304 -4.75 21.19 3.10
CA SER A 304 -3.43 21.28 3.74
C SER A 304 -2.65 22.52 3.29
N GLY A 305 -2.58 22.71 1.97
CA GLY A 305 -1.82 23.85 1.42
C GLY A 305 -2.43 25.18 1.82
N PHE A 306 -3.76 25.25 1.73
CA PHE A 306 -4.45 26.49 2.06
C PHE A 306 -4.24 26.82 3.54
N LEU A 307 -4.46 25.83 4.39
CA LEU A 307 -4.37 26.09 5.82
C LEU A 307 -2.95 26.34 6.32
N TYR A 308 -1.97 25.67 5.72
CA TYR A 308 -0.58 25.97 6.01
C TYR A 308 -0.29 27.43 5.64
N GLY A 309 -0.67 27.84 4.44
CA GLY A 309 -0.43 29.22 4.01
C GLY A 309 -1.13 30.21 4.94
N TYR A 310 -2.38 29.91 5.30
CA TYR A 310 -3.18 30.78 6.14
C TYR A 310 -2.53 31.03 7.51
N THR A 311 -2.04 29.95 8.13
CA THR A 311 -1.40 30.03 9.45
C THR A 311 0.02 30.56 9.41
N GLN A 312 0.57 30.70 8.20
CA GLN A 312 1.86 31.36 8.02
C GLN A 312 1.69 32.83 7.68
N GLY A 313 0.44 33.30 7.65
CA GLY A 313 0.14 34.71 7.42
C GLY A 313 0.22 35.13 5.96
N ARG A 314 0.01 34.17 5.06
CA ARG A 314 0.11 34.42 3.62
C ARG A 314 -1.19 34.98 3.06
N SER A 315 -1.10 35.69 1.93
CA SER A 315 -2.28 36.20 1.24
C SER A 315 -3.26 35.07 0.90
N LEU A 316 -4.55 35.38 0.82
CA LEU A 316 -5.54 34.37 0.41
C LEU A 316 -5.21 33.77 -0.96
N GLU A 317 -4.74 34.59 -1.93
CA GLU A 317 -4.29 34.06 -3.22
C GLU A 317 -3.18 33.02 -3.05
N ASP A 318 -2.15 33.37 -2.28
CA ASP A 318 -1.02 32.46 -2.05
C ASP A 318 -1.44 31.17 -1.30
N CYS A 319 -2.44 31.29 -0.42
CA CYS A 319 -3.03 30.12 0.24
C CYS A 319 -3.67 29.21 -0.79
N GLY A 320 -4.44 29.79 -1.70
CA GLY A 320 -4.99 29.05 -2.83
C GLY A 320 -3.91 28.40 -3.67
N LYS A 321 -2.83 29.14 -3.93
CA LYS A 321 -1.75 28.59 -4.74
C LYS A 321 -1.11 27.36 -4.08
N LEU A 322 -0.85 27.45 -2.79
CA LEU A 322 -0.26 26.34 -2.03
C LEU A 322 -1.20 25.12 -2.02
N GLY A 323 -2.50 25.38 -1.88
CA GLY A 323 -3.49 24.31 -1.93
C GLY A 323 -3.48 23.59 -3.27
N CYS A 324 -3.47 24.37 -4.35
CA CYS A 324 -3.45 23.79 -5.69
C CYS A 324 -2.16 23.01 -5.95
N LEU A 325 -1.04 23.52 -5.48
CA LEU A 325 0.23 22.80 -5.60
C LEU A 325 0.17 21.42 -4.92
N ALA A 326 -0.29 21.39 -3.68
CA ALA A 326 -0.38 20.14 -2.94
C ALA A 326 -1.36 19.15 -3.58
N ALA A 327 -2.51 19.66 -4.02
CA ALA A 327 -3.51 18.83 -4.66
C ALA A 327 -2.97 18.22 -5.96
N GLY A 328 -2.27 19.04 -6.75
CA GLY A 328 -1.71 18.57 -8.02
C GLY A 328 -0.68 17.47 -7.81
N ILE A 329 0.08 17.56 -6.72
CA ILE A 329 1.07 16.53 -6.38
C ILE A 329 0.39 15.22 -5.98
N VAL A 330 -0.61 15.28 -5.10
CA VAL A 330 -1.18 14.04 -4.59
C VAL A 330 -1.91 13.23 -5.68
N ILE A 331 -2.45 13.89 -6.69
CA ILE A 331 -3.19 13.16 -7.73
C ILE A 331 -2.27 12.43 -8.73
N GLN A 332 -0.96 12.67 -8.62
CA GLN A 332 0.03 12.01 -9.48
C GLN A 332 0.63 10.78 -8.83
N GLN A 333 0.06 10.34 -7.71
CA GLN A 333 0.53 9.12 -7.07
C GLN A 333 -0.65 8.27 -6.63
N ILE A 334 -0.39 6.99 -6.42
CA ILE A 334 -1.33 6.10 -5.73
C ILE A 334 -1.20 6.41 -4.24
N GLY A 335 -2.32 6.55 -3.56
CA GLY A 335 -2.31 6.83 -2.12
C GLY A 335 -2.66 8.27 -1.81
N PRO A 336 -3.33 8.51 -0.67
CA PRO A 336 -3.92 9.82 -0.41
C PRO A 336 -3.03 10.84 0.29
N ARG A 337 -1.80 10.44 0.63
CA ARG A 337 -0.87 11.31 1.33
C ARG A 337 0.42 11.36 0.53
N PRO A 338 0.84 12.56 0.08
CA PRO A 338 2.05 12.62 -0.73
C PRO A 338 3.26 11.97 -0.07
N THR A 340 6.28 12.42 -1.29
CA THR A 340 7.39 13.33 -1.57
C THR A 340 7.27 14.56 -0.67
N SER A 341 8.31 15.38 -0.69
CA SER A 341 8.36 16.56 0.16
C SER A 341 7.56 17.71 -0.43
N LEU A 342 6.50 18.07 0.25
CA LEU A 342 5.70 19.22 -0.16
C LEU A 342 6.42 20.53 0.13
N SER A 343 7.19 20.56 1.21
CA SER A 343 7.98 21.75 1.53
C SER A 343 9.00 22.04 0.41
N GLU A 344 9.67 21.00 -0.09
CA GLU A 344 10.62 21.16 -1.19
C GLU A 344 9.92 21.66 -2.44
N ALA A 345 8.75 21.10 -2.74
CA ALA A 345 7.96 21.53 -3.90
C ALA A 345 7.51 22.99 -3.77
N ALA A 346 7.05 23.36 -2.58
CA ALA A 346 6.65 24.74 -2.30
C ALA A 346 7.82 25.73 -2.45
N LYS A 347 9.00 25.32 -1.99
CA LYS A 347 10.22 26.13 -2.16
C LYS A 347 10.56 26.33 -3.64
N GLN A 348 10.50 25.24 -4.40
CA GLN A 348 10.75 25.23 -5.85
C GLN A 348 9.79 26.18 -6.57
N ALA A 349 8.56 26.24 -6.08
CA ALA A 349 7.50 27.05 -6.67
C ALA A 349 7.52 28.50 -6.20
N GLY A 350 8.47 28.83 -5.32
CA GLY A 350 8.61 30.18 -4.80
C GLY A 350 7.48 30.58 -3.88
N LEU A 351 6.78 29.59 -3.35
CA LEU A 351 5.72 29.80 -2.37
C LEU A 351 6.31 29.64 -0.99
N ILE A 352 7.46 28.96 -0.95
CA ILE A 352 8.36 28.87 0.21
C ILE A 352 7.72 28.27 1.46
N THR B 24 -4.09 -31.45 -15.51
CA THR B 24 -3.67 -31.29 -14.12
C THR B 24 -4.23 -29.98 -13.57
N ARG B 25 -4.65 -30.04 -12.31
CA ARG B 25 -5.31 -28.91 -11.66
CA ARG B 25 -5.31 -28.91 -11.64
C ARG B 25 -4.43 -27.67 -11.63
N PHE B 26 -3.14 -27.86 -11.37
CA PHE B 26 -2.23 -26.74 -11.20
C PHE B 26 -0.98 -26.82 -12.06
N ASP B 27 -0.57 -25.66 -12.55
CA ASP B 27 0.71 -25.52 -13.21
C ASP B 27 1.84 -25.38 -12.19
N VAL B 28 1.65 -24.49 -11.23
CA VAL B 28 2.70 -24.17 -10.27
C VAL B 28 2.12 -24.04 -8.87
N LEU B 29 2.63 -24.87 -7.96
CA LEU B 29 2.40 -24.70 -6.54
C LEU B 29 3.65 -24.03 -6.01
N THR B 30 3.48 -22.94 -5.25
CA THR B 30 4.62 -22.37 -4.52
C THR B 30 4.42 -22.50 -3.01
N VAL B 31 5.53 -22.53 -2.25
CA VAL B 31 5.50 -22.69 -0.81
C VAL B 31 6.51 -21.71 -0.25
N GLY B 32 6.08 -20.91 0.73
CA GLY B 32 6.97 -19.91 1.30
C GLY B 32 6.44 -19.28 2.56
N ASN B 33 7.20 -18.32 3.06
CA ASN B 33 6.81 -17.52 4.21
C ASN B 33 5.76 -16.49 3.81
N ALA B 34 4.56 -16.60 4.38
CA ALA B 34 3.44 -15.69 4.04
C ALA B 34 3.64 -14.38 4.80
N ILE B 35 3.90 -13.29 4.07
CA ILE B 35 4.33 -12.04 4.68
C ILE B 35 3.56 -10.87 4.06
N VAL B 36 3.22 -9.87 4.89
CA VAL B 36 2.73 -8.59 4.39
C VAL B 36 3.88 -7.59 4.47
N ASP B 37 4.11 -6.85 3.37
CA ASP B 37 5.18 -5.86 3.32
C ASP B 37 4.71 -4.51 3.80
N ILE B 38 5.61 -3.82 4.50
CA ILE B 38 5.41 -2.47 5.03
C ILE B 38 6.52 -1.68 4.37
N ILE B 39 6.17 -0.81 3.43
CA ILE B 39 7.15 -0.25 2.49
C ILE B 39 7.32 1.24 2.69
N SER B 40 8.57 1.69 2.78
CA SER B 40 8.86 3.10 2.89
C SER B 40 10.17 3.43 2.17
N ARG B 41 10.32 4.65 1.70
CA ARG B 41 11.59 5.11 1.16
C ARG B 41 12.47 5.64 2.30
N CYS B 42 13.78 5.48 2.18
CA CYS B 42 14.71 6.04 3.16
C CYS B 42 15.97 6.51 2.48
N ASN B 43 16.76 7.32 3.18
CA ASN B 43 18.07 7.70 2.68
C ASN B 43 19.12 6.65 3.06
N ASP B 44 20.31 6.78 2.49
CA ASP B 44 21.39 5.82 2.67
C ASP B 44 21.82 5.72 4.13
N GLN B 45 21.84 6.87 4.82
CA GLN B 45 22.25 6.95 6.21
C GLN B 45 21.30 6.20 7.15
N PHE B 46 20.02 6.11 6.80
CA PHE B 46 19.08 5.40 7.67
C PHE B 46 19.54 3.94 7.88
N LEU B 47 19.95 3.29 6.80
CA LEU B 47 20.41 1.91 6.88
C LEU B 47 21.65 1.76 7.75
N ILE B 48 22.57 2.71 7.61
CA ILE B 48 23.81 2.72 8.39
C ILE B 48 23.49 2.92 9.87
N ASP B 49 22.68 3.94 10.16
CA ASP B 49 22.31 4.27 11.54
C ASP B 49 21.62 3.10 12.27
N ASN B 50 20.87 2.31 11.52
CA ASN B 50 20.07 1.21 12.09
C ASN B 50 20.68 -0.15 11.85
N GLN B 51 21.91 -0.17 11.33
CA GLN B 51 22.66 -1.41 11.09
C GLN B 51 21.83 -2.44 10.32
N ILE B 52 21.18 -1.95 9.25
CA ILE B 52 20.44 -2.79 8.32
C ILE B 52 21.35 -3.11 7.13
N THR B 53 21.52 -4.41 6.84
CA THR B 53 22.35 -4.80 5.70
C THR B 53 21.60 -4.45 4.41
N LYS B 54 22.21 -3.62 3.57
CA LYS B 54 21.54 -3.13 2.37
C LYS B 54 21.36 -4.24 1.34
N ALA B 55 20.18 -4.24 0.69
CA ALA B 55 19.86 -5.18 -0.37
C ALA B 55 19.57 -6.61 0.10
N ALA B 56 19.54 -6.83 1.41
CA ALA B 56 19.40 -8.19 1.96
C ALA B 56 18.13 -8.36 2.76
N ASN B 58 16.98 -9.22 6.26
CA ASN B 58 17.46 -9.15 7.63
C ASN B 58 16.36 -9.70 8.55
N LEU B 59 16.61 -10.85 9.19
CA LEU B 59 15.64 -11.38 10.19
C LEU B 59 15.64 -10.56 11.47
N ILE B 60 14.45 -10.32 12.01
CA ILE B 60 14.33 -9.54 13.23
C ILE B 60 13.33 -10.17 14.19
N ASP B 61 13.55 -9.91 15.48
CA ASP B 61 12.59 -10.37 16.48
C ASP B 61 11.50 -9.33 16.73
N ALA B 62 10.58 -9.64 17.62
CA ALA B 62 9.43 -8.77 17.87
C ALA B 62 9.85 -7.40 18.41
N GLU B 63 10.80 -7.39 19.35
CA GLU B 63 11.29 -6.15 19.94
C GLU B 63 11.93 -5.26 18.88
N ARG B 64 12.76 -5.85 18.03
CA ARG B 64 13.40 -5.11 16.95
C ARG B 64 12.36 -4.61 15.93
N ALA B 65 11.33 -5.41 15.67
CA ALA B 65 10.28 -4.96 14.75
C ALA B 65 9.61 -3.69 15.27
N GLU B 66 9.32 -3.66 16.58
CA GLU B 66 8.69 -2.48 17.18
C GLU B 66 9.62 -1.28 17.11
N LEU B 67 10.90 -1.49 17.38
CA LEU B 67 11.88 -0.41 17.36
C LEU B 67 12.02 0.17 15.96
N LEU B 68 12.21 -0.69 14.97
CA LEU B 68 12.38 -0.23 13.59
C LEU B 68 11.13 0.48 13.09
N TYR B 69 9.96 -0.06 13.43
CA TYR B 69 8.73 0.57 13.00
C TYR B 69 8.62 1.98 13.59
N SER B 70 9.01 2.13 14.85
CA SER B 70 8.94 3.44 15.51
C SER B 70 9.83 4.47 14.81
N ARG B 71 10.85 4.01 14.08
CA ARG B 71 11.76 4.89 13.36
C ARG B 71 11.42 5.05 11.87
N GLY B 73 9.29 5.94 8.46
CA GLY B 73 8.36 6.96 8.03
C GLY B 73 6.98 6.39 7.69
N PRO B 74 6.06 7.25 7.25
CA PRO B 74 4.77 6.74 6.78
C PRO B 74 5.00 5.67 5.72
N ALA B 75 4.16 4.65 5.72
CA ALA B 75 4.39 3.48 4.88
C ALA B 75 3.14 3.08 4.11
N LEU B 76 3.37 2.22 3.13
CA LEU B 76 2.33 1.57 2.35
CA LEU B 76 2.30 1.56 2.40
C LEU B 76 2.37 0.07 2.67
N GLU B 77 1.23 -0.60 2.70
CA GLU B 77 1.23 -2.05 2.90
C GLU B 77 0.79 -2.79 1.65
N ALA B 78 1.44 -3.90 1.40
CA ALA B 78 1.12 -4.73 0.25
C ALA B 78 1.48 -6.15 0.55
N SER B 79 0.62 -7.09 0.16
CA SER B 79 0.97 -8.50 0.30
C SER B 79 2.28 -8.83 -0.38
N GLY B 80 3.11 -9.60 0.32
CA GLY B 80 4.43 -9.99 -0.16
C GLY B 80 4.66 -11.48 0.03
N GLY B 81 5.86 -11.83 0.47
CA GLY B 81 6.31 -13.22 0.56
C GLY B 81 6.83 -13.64 -0.80
N SER B 82 8.10 -13.99 -0.87
CA SER B 82 8.72 -14.33 -2.15
CA SER B 82 8.73 -14.34 -2.15
C SER B 82 7.91 -15.33 -3.00
N ALA B 83 7.63 -16.50 -2.45
CA ALA B 83 6.85 -17.51 -3.16
C ALA B 83 5.42 -17.05 -3.42
N GLY B 84 4.86 -16.27 -2.49
CA GLY B 84 3.51 -15.72 -2.66
C GLY B 84 3.46 -14.86 -3.90
N ASN B 85 4.43 -13.95 -4.02
CA ASN B 85 4.59 -13.12 -5.21
C ASN B 85 4.72 -13.96 -6.48
N THR B 86 5.51 -15.02 -6.42
CA THR B 86 5.69 -15.89 -7.59
C THR B 86 4.37 -16.55 -7.97
N ALA B 87 3.64 -17.07 -7.00
CA ALA B 87 2.34 -17.67 -7.34
C ALA B 87 1.39 -16.64 -7.96
N ALA B 88 1.33 -15.45 -7.38
CA ALA B 88 0.51 -14.36 -7.92
C ALA B 88 0.91 -14.04 -9.35
N GLY B 89 2.21 -14.01 -9.61
CA GLY B 89 2.70 -13.73 -10.97
C GLY B 89 2.29 -14.78 -12.01
N VAL B 90 2.36 -16.05 -11.62
CA VAL B 90 1.93 -17.14 -12.50
C VAL B 90 0.45 -16.96 -12.86
N ALA B 91 -0.38 -16.71 -11.85
CA ALA B 91 -1.82 -16.51 -12.07
C ALA B 91 -2.09 -15.31 -12.97
N ASN B 92 -1.38 -14.21 -12.72
CA ASN B 92 -1.46 -12.98 -13.54
C ASN B 92 -1.19 -13.28 -15.02
N LEU B 93 -0.14 -14.08 -15.29
CA LEU B 93 0.19 -14.49 -16.67
C LEU B 93 -0.85 -15.43 -17.31
N GLY B 94 -1.70 -16.05 -16.48
CA GLY B 94 -2.76 -16.92 -16.98
C GLY B 94 -2.62 -18.38 -16.60
N GLY B 95 -1.57 -18.72 -15.85
CA GLY B 95 -1.35 -20.08 -15.39
C GLY B 95 -2.21 -20.40 -14.18
N LYS B 96 -2.23 -21.66 -13.81
CA LYS B 96 -3.02 -22.09 -12.67
C LYS B 96 -2.07 -22.29 -11.50
N ALA B 97 -2.25 -21.48 -10.47
CA ALA B 97 -1.31 -21.48 -9.34
C ALA B 97 -1.97 -21.81 -8.00
N ALA B 98 -1.16 -22.36 -7.09
CA ALA B 98 -1.56 -22.66 -5.72
C ALA B 98 -0.42 -22.23 -4.81
N TYR B 99 -0.76 -22.02 -3.54
CA TYR B 99 0.20 -21.53 -2.55
C TYR B 99 -0.01 -22.16 -1.19
N PHE B 100 1.08 -22.57 -0.56
CA PHE B 100 1.06 -22.96 0.86
C PHE B 100 1.88 -21.94 1.65
N GLY B 101 1.28 -21.40 2.71
CA GLY B 101 2.00 -20.49 3.60
C GLY B 101 1.09 -20.16 4.77
N ASN B 102 1.67 -19.94 5.95
CA ASN B 102 0.86 -19.79 7.14
C ASN B 102 0.80 -18.35 7.65
N VAL B 103 -0.43 -17.82 7.73
CA VAL B 103 -0.70 -16.56 8.38
C VAL B 103 -1.42 -16.76 9.72
N ALA B 104 -1.58 -15.68 10.48
CA ALA B 104 -2.42 -15.71 11.68
C ALA B 104 -3.85 -15.27 11.39
N ALA B 105 -4.74 -15.55 12.34
CA ALA B 105 -6.12 -15.09 12.29
C ALA B 105 -6.17 -13.64 12.80
N ASP B 106 -5.72 -12.72 11.96
CA ASP B 106 -5.68 -11.31 12.29
C ASP B 106 -5.88 -10.50 11.02
N GLN B 107 -5.89 -9.18 11.14
CA GLN B 107 -6.17 -8.32 9.98
C GLN B 107 -5.14 -8.45 8.88
N LEU B 108 -3.86 -8.53 9.24
CA LEU B 108 -2.81 -8.71 8.23
C LEU B 108 -2.95 -10.06 7.51
N GLY B 109 -3.32 -11.09 8.26
CA GLY B 109 -3.57 -12.38 7.67
C GLY B 109 -4.76 -12.35 6.72
N ASP B 110 -5.79 -11.59 7.09
CA ASP B 110 -6.97 -11.46 6.24
C ASP B 110 -6.60 -10.74 4.94
N ILE B 111 -5.76 -9.71 5.04
CA ILE B 111 -5.28 -9.00 3.86
C ILE B 111 -4.46 -9.94 2.95
N PHE B 112 -3.53 -10.69 3.53
CA PHE B 112 -2.73 -11.63 2.76
C PHE B 112 -3.63 -12.64 2.05
N THR B 113 -4.59 -13.20 2.79
CA THR B 113 -5.50 -14.19 2.24
C THR B 113 -6.30 -13.60 1.08
N HIS B 114 -6.85 -12.41 1.28
CA HIS B 114 -7.62 -11.77 0.24
C HIS B 114 -6.80 -11.56 -1.03
N ASP B 115 -5.59 -11.03 -0.88
CA ASP B 115 -4.85 -10.58 -2.07
C ASP B 115 -4.44 -11.74 -2.95
N ILE B 116 -3.97 -12.83 -2.33
CA ILE B 116 -3.53 -13.96 -3.13
C ILE B 116 -4.71 -14.69 -3.80
N ARG B 117 -5.82 -14.85 -3.06
CA ARG B 117 -7.01 -15.46 -3.64
C ARG B 117 -7.63 -14.56 -4.72
N ALA B 118 -7.58 -13.24 -4.51
CA ALA B 118 -8.16 -12.30 -5.48
C ALA B 118 -7.44 -12.37 -6.82
N GLN B 119 -6.17 -12.76 -6.78
CA GLN B 119 -5.37 -12.94 -7.99
C GLN B 119 -5.68 -14.26 -8.71
N GLY B 120 -6.44 -15.13 -8.04
CA GLY B 120 -6.86 -16.39 -8.65
C GLY B 120 -6.01 -17.57 -8.25
N VAL B 121 -5.21 -17.40 -7.19
CA VAL B 121 -4.37 -18.47 -6.64
C VAL B 121 -5.18 -19.30 -5.63
N HIS B 122 -5.10 -20.64 -5.73
CA HIS B 122 -5.68 -21.52 -4.71
C HIS B 122 -4.85 -21.34 -3.44
N TYR B 123 -5.50 -20.91 -2.37
CA TYR B 123 -4.82 -20.72 -1.10
C TYR B 123 -5.73 -21.13 0.05
N GLN B 124 -5.38 -22.25 0.67
CA GLN B 124 -6.25 -22.88 1.67
CA GLN B 124 -6.25 -22.89 1.66
C GLN B 124 -5.59 -23.23 3.02
N THR B 125 -4.34 -22.77 3.21
CA THR B 125 -3.64 -23.01 4.48
C THR B 125 -4.40 -22.33 5.61
N LYS B 126 -4.72 -23.09 6.67
CA LYS B 126 -5.55 -22.59 7.75
C LYS B 126 -4.71 -21.93 8.85
N PRO B 127 -5.09 -20.70 9.27
CA PRO B 127 -4.42 -20.13 10.45
C PRO B 127 -4.63 -21.00 11.70
N LYS B 128 -3.63 -20.99 12.59
CA LYS B 128 -3.65 -21.80 13.82
C LYS B 128 -4.16 -21.03 15.04
N GLY B 129 -4.23 -19.72 14.91
CA GLY B 129 -4.58 -18.83 16.01
C GLY B 129 -4.12 -17.41 15.69
N ALA B 130 -4.17 -16.53 16.69
CA ALA B 130 -3.80 -15.12 16.51
C ALA B 130 -2.35 -14.80 16.90
N PHE B 131 -1.71 -15.68 17.67
CA PHE B 131 -0.30 -15.48 18.07
C PHE B 131 0.52 -16.74 17.78
N PRO B 132 1.73 -16.58 17.20
CA PRO B 132 2.34 -15.32 16.73
C PRO B 132 1.50 -14.67 15.61
N PRO B 133 1.57 -13.34 15.49
CA PRO B 133 0.77 -12.66 14.47
C PRO B 133 1.34 -12.88 13.08
N THR B 134 0.60 -12.47 12.06
CA THR B 134 1.05 -12.64 10.68
C THR B 134 2.40 -11.95 10.47
N ALA B 135 3.29 -12.65 9.76
CA ALA B 135 4.62 -12.12 9.42
C ALA B 135 4.50 -10.79 8.69
N ARG B 136 5.41 -9.89 8.98
CA ARG B 136 5.52 -8.66 8.20
C ARG B 136 6.98 -8.33 7.98
N SER B 137 7.25 -7.62 6.89
CA SER B 137 8.61 -7.26 6.52
C SER B 137 8.62 -5.77 6.25
N ILE B 139 10.29 -2.99 4.54
CA ILE B 139 11.14 -2.91 3.37
C ILE B 139 11.45 -1.45 3.09
N PHE B 140 12.74 -1.13 3.17
CA PHE B 140 13.21 0.23 2.98
C PHE B 140 13.83 0.34 1.60
N VAL B 141 13.29 1.25 0.81
CA VAL B 141 13.73 1.40 -0.57
C VAL B 141 14.57 2.68 -0.66
N THR B 142 15.83 2.51 -1.07
CA THR B 142 16.76 3.63 -1.15
C THR B 142 16.62 4.28 -2.52
N GLU B 143 17.28 5.43 -2.72
CA GLU B 143 17.09 6.24 -3.93
C GLU B 143 17.45 5.51 -5.22
N ASP B 144 18.36 4.54 -5.12
CA ASP B 144 18.77 3.71 -6.24
C ASP B 144 17.75 2.62 -6.61
N GLY B 145 16.67 2.52 -5.84
CA GLY B 145 15.64 1.50 -6.07
C GLY B 145 15.94 0.18 -5.40
N GLU B 146 17.08 0.09 -4.71
CA GLU B 146 17.37 -1.13 -3.95
C GLU B 146 16.44 -1.27 -2.76
N ARG B 147 16.22 -2.51 -2.33
CA ARG B 147 15.31 -2.80 -1.22
CA ARG B 147 15.32 -2.81 -1.23
C ARG B 147 16.01 -3.60 -0.11
N SER B 148 15.82 -3.14 1.12
CA SER B 148 16.45 -3.76 2.27
C SER B 148 15.31 -4.17 3.19
N ASN B 150 13.40 -6.26 6.39
CA ASN B 150 13.56 -6.53 7.82
C ASN B 150 12.34 -7.30 8.28
N THR B 151 12.51 -8.62 8.42
CA THR B 151 11.38 -9.52 8.46
C THR B 151 11.20 -10.16 9.82
N TYR B 152 10.01 -9.96 10.38
CA TYR B 152 9.57 -10.67 11.60
C TYR B 152 8.70 -11.83 11.11
N LEU B 153 9.18 -13.05 11.33
CA LEU B 153 8.52 -14.24 10.77
C LEU B 153 7.14 -14.57 11.37
N GLY B 154 6.88 -14.15 12.62
CA GLY B 154 5.56 -14.37 13.21
C GLY B 154 5.04 -15.77 12.97
N ALA B 155 3.82 -15.87 12.44
CA ALA B 155 3.12 -17.14 12.24
C ALA B 155 3.79 -18.09 11.23
N CYS B 156 4.72 -17.57 10.43
CA CYS B 156 5.50 -18.43 9.54
C CYS B 156 6.24 -19.56 10.27
N VAL B 157 6.56 -19.35 11.56
CA VAL B 157 7.28 -20.40 12.28
C VAL B 157 6.42 -21.65 12.51
N GLU B 158 5.11 -21.52 12.26
CA GLU B 158 4.18 -22.63 12.46
C GLU B 158 3.95 -23.50 11.23
N LEU B 159 4.48 -23.11 10.06
CA LEU B 159 4.31 -23.92 8.85
C LEU B 159 5.00 -25.27 8.99
N GLY B 160 4.26 -26.33 8.74
CA GLY B 160 4.82 -27.67 8.86
C GLY B 160 4.12 -28.67 7.96
N PRO B 161 4.46 -29.97 8.13
CA PRO B 161 3.89 -31.05 7.30
C PRO B 161 2.37 -31.07 7.29
N GLU B 162 1.75 -30.62 8.39
CA GLU B 162 0.30 -30.59 8.51
C GLU B 162 -0.34 -29.66 7.47
N ASP B 163 0.47 -28.75 6.92
CA ASP B 163 -0.01 -27.77 5.95
C ASP B 163 0.18 -28.23 4.50
N VAL B 164 0.67 -29.44 4.32
CA VAL B 164 0.83 -29.99 2.97
C VAL B 164 -0.50 -30.57 2.49
N GLU B 165 -1.08 -29.95 1.45
CA GLU B 165 -2.25 -30.49 0.79
C GLU B 165 -1.73 -31.47 -0.25
N ALA B 166 -1.74 -32.75 0.11
CA ALA B 166 -1.06 -33.77 -0.69
C ALA B 166 -1.63 -33.87 -2.11
N ASP B 167 -2.95 -33.76 -2.22
CA ASP B 167 -3.62 -33.74 -3.53
C ASP B 167 -3.13 -32.59 -4.43
N VAL B 168 -2.85 -31.44 -3.82
CA VAL B 168 -2.42 -30.27 -4.58
C VAL B 168 -1.01 -30.51 -5.13
N VAL B 169 -0.11 -31.02 -4.28
CA VAL B 169 1.25 -31.33 -4.70
C VAL B 169 1.22 -32.36 -5.82
N ALA B 170 0.45 -33.42 -5.64
CA ALA B 170 0.33 -34.49 -6.63
C ALA B 170 -0.17 -33.98 -7.97
N ASP B 171 -0.98 -32.91 -7.93
CA ASP B 171 -1.67 -32.37 -9.11
C ASP B 171 -1.02 -31.08 -9.64
N ALA B 172 0.20 -30.78 -9.21
CA ALA B 172 0.89 -29.58 -9.69
C ALA B 172 2.09 -29.96 -10.58
N LYS B 173 2.19 -29.35 -11.76
CA LYS B 173 3.30 -29.66 -12.67
C LYS B 173 4.67 -29.36 -12.02
N VAL B 174 4.74 -28.24 -11.31
CA VAL B 174 5.96 -27.83 -10.61
C VAL B 174 5.56 -27.38 -9.20
N THR B 175 6.29 -27.87 -8.19
CA THR B 175 6.24 -27.31 -6.84
C THR B 175 7.53 -26.57 -6.61
N TYR B 176 7.40 -25.27 -6.31
CA TYR B 176 8.53 -24.35 -6.12
C TYR B 176 8.54 -23.82 -4.70
N PHE B 177 9.71 -23.75 -4.07
CA PHE B 177 9.80 -23.26 -2.69
C PHE B 177 10.98 -22.33 -2.44
N GLU B 178 10.91 -21.58 -1.34
CA GLU B 178 11.96 -20.63 -0.97
C GLU B 178 13.06 -21.26 -0.15
N GLY B 179 14.31 -20.95 -0.49
CA GLY B 179 15.42 -21.17 0.45
C GLY B 179 15.14 -20.52 1.81
N TYR B 180 14.39 -19.40 1.81
CA TYR B 180 13.99 -18.70 3.03
C TYR B 180 13.29 -19.63 4.02
N LEU B 181 12.69 -20.73 3.52
CA LEU B 181 11.99 -21.67 4.42
C LEU B 181 12.89 -22.42 5.38
N TRP B 182 14.22 -22.32 5.18
CA TRP B 182 15.15 -22.99 6.08
C TRP B 182 15.34 -22.24 7.40
N ASP B 183 14.87 -20.99 7.48
CA ASP B 183 14.96 -20.24 8.74
C ASP B 183 13.93 -20.71 9.80
N PRO B 184 12.62 -20.75 9.45
CA PRO B 184 11.65 -21.31 10.42
C PRO B 184 11.89 -22.79 10.65
N PRO B 185 11.46 -23.33 11.81
CA PRO B 185 11.98 -24.62 12.24
C PRO B 185 11.47 -25.83 11.48
N ARG B 186 10.19 -25.84 11.14
CA ARG B 186 9.56 -27.07 10.68
C ARG B 186 9.21 -27.06 9.22
N ALA B 187 9.40 -25.93 8.54
CA ALA B 187 9.01 -25.81 7.13
C ALA B 187 9.75 -26.79 6.23
N LYS B 188 11.02 -27.06 6.53
CA LYS B 188 11.80 -28.01 5.74
C LYS B 188 11.17 -29.41 5.70
N GLU B 189 10.53 -29.82 6.80
CA GLU B 189 9.84 -31.11 6.84
C GLU B 189 8.69 -31.12 5.84
N ALA B 190 7.93 -30.02 5.75
CA ALA B 190 6.87 -29.90 4.76
C ALA B 190 7.43 -29.99 3.35
N ILE B 191 8.57 -29.33 3.10
CA ILE B 191 9.19 -29.40 1.77
C ILE B 191 9.68 -30.79 1.38
N LEU B 192 10.30 -31.50 2.32
CA LEU B 192 10.70 -32.89 2.06
C LEU B 192 9.48 -33.76 1.74
N ASP B 193 8.36 -33.52 2.44
CA ASP B 193 7.11 -34.23 2.13
C ASP B 193 6.64 -33.89 0.70
N CYS B 194 6.66 -32.61 0.35
CA CYS B 194 6.36 -32.14 -1.00
C CYS B 194 7.20 -32.83 -2.06
N ALA B 195 8.52 -32.88 -1.86
CA ALA B 195 9.41 -33.48 -2.83
C ALA B 195 9.09 -34.96 -3.06
N ARG B 196 8.75 -35.67 -2.00
CA ARG B 196 8.39 -37.08 -2.09
C ARG B 196 7.13 -37.24 -2.94
N ILE B 197 6.09 -36.47 -2.61
CA ILE B 197 4.82 -36.54 -3.33
C ILE B 197 4.99 -36.11 -4.80
N ALA B 198 5.59 -34.94 -5.01
CA ALA B 198 5.82 -34.43 -6.36
C ALA B 198 6.50 -35.48 -7.26
N HIS B 199 7.63 -36.00 -6.81
CA HIS B 199 8.38 -36.97 -7.62
C HIS B 199 7.69 -38.32 -7.80
N GLN B 200 6.96 -38.77 -6.78
CA GLN B 200 6.13 -39.99 -6.88
C GLN B 200 5.05 -39.86 -7.97
N HIS B 201 4.63 -38.62 -8.22
CA HIS B 201 3.63 -38.33 -9.25
C HIS B 201 4.24 -37.74 -10.53
N GLY B 202 5.57 -37.85 -10.66
CA GLY B 202 6.25 -37.49 -11.90
C GLY B 202 6.30 -35.99 -12.17
N ARG B 203 6.18 -35.21 -11.11
CA ARG B 203 6.21 -33.76 -11.20
C ARG B 203 7.63 -33.24 -10.95
N GLU B 204 7.83 -31.93 -11.13
CA GLU B 204 9.13 -31.29 -10.97
C GLU B 204 9.17 -30.48 -9.67
N SER B 206 11.25 -27.37 -7.62
CA SER B 206 12.06 -26.19 -7.90
C SER B 206 12.32 -25.39 -6.63
N THR B 208 14.27 -21.53 -5.09
CA THR B 208 15.09 -20.34 -5.25
C THR B 208 16.04 -20.26 -4.08
N LEU B 209 17.27 -19.83 -4.35
CA LEU B 209 18.27 -19.63 -3.29
C LEU B 209 17.97 -18.43 -2.40
N SER B 210 17.02 -17.59 -2.82
CA SER B 210 16.38 -16.53 -2.02
C SER B 210 17.22 -15.29 -1.72
N ASP B 211 18.40 -15.49 -1.13
CA ASP B 211 19.17 -14.37 -0.62
C ASP B 211 20.56 -14.90 -0.32
N SER B 212 21.59 -14.10 -0.61
CA SER B 212 22.96 -14.57 -0.45
C SER B 212 23.35 -14.93 0.99
N PHE B 213 22.80 -14.20 1.97
CA PHE B 213 23.05 -14.53 3.37
C PHE B 213 22.30 -15.80 3.79
N CYS B 214 21.10 -15.98 3.24
CA CYS B 214 20.36 -17.22 3.42
C CYS B 214 21.21 -18.40 2.90
N VAL B 215 21.84 -18.23 1.74
CA VAL B 215 22.76 -19.23 1.20
C VAL B 215 23.95 -19.43 2.15
N ASP B 216 24.49 -18.34 2.71
CA ASP B 216 25.57 -18.47 3.70
C ASP B 216 25.16 -19.38 4.87
N ARG B 217 23.89 -19.27 5.28
CA ARG B 217 23.38 -20.06 6.42
C ARG B 217 23.17 -21.54 6.09
N TYR B 218 22.74 -21.84 4.86
CA TYR B 218 22.23 -23.18 4.53
C TYR B 218 22.87 -23.82 3.30
N ARG B 219 24.05 -23.31 2.96
CA ARG B 219 24.86 -23.75 1.83
CA ARG B 219 24.81 -23.75 1.79
C ARG B 219 24.83 -25.28 1.63
N GLY B 220 25.29 -25.98 2.66
CA GLY B 220 25.41 -27.44 2.59
C GLY B 220 24.07 -28.12 2.38
N GLU B 221 23.04 -27.63 3.05
CA GLU B 221 21.71 -28.22 2.94
C GLU B 221 21.14 -27.98 1.55
N PHE B 222 21.36 -26.78 1.02
CA PHE B 222 20.89 -26.48 -0.32
C PHE B 222 21.56 -27.37 -1.37
N LEU B 223 22.88 -27.55 -1.27
CA LEU B 223 23.61 -28.38 -2.21
C LEU B 223 23.15 -29.84 -2.11
N ASP B 224 22.82 -30.28 -0.90
CA ASP B 224 22.31 -31.63 -0.69
C ASP B 224 20.94 -31.81 -1.36
N LEU B 225 20.09 -30.79 -1.27
CA LEU B 225 18.80 -30.85 -1.98
C LEU B 225 18.98 -31.04 -3.49
N ARG B 227 21.91 -32.05 -5.19
CA ARG B 227 22.67 -33.26 -5.53
C ARG B 227 21.90 -34.57 -5.29
N SER B 228 20.98 -34.58 -4.34
CA SER B 228 20.16 -35.76 -4.06
C SER B 228 18.97 -35.86 -5.01
N GLY B 229 18.78 -34.81 -5.82
CA GLY B 229 17.68 -34.77 -6.80
C GLY B 229 16.34 -34.38 -6.21
N LYS B 230 16.32 -33.92 -4.96
CA LYS B 230 15.08 -33.45 -4.35
C LYS B 230 14.59 -32.18 -5.04
N VAL B 231 15.53 -31.39 -5.58
CA VAL B 231 15.26 -30.18 -6.37
CA VAL B 231 15.16 -30.26 -6.41
C VAL B 231 15.74 -30.38 -7.82
N ASP B 232 14.89 -30.09 -8.80
CA ASP B 232 15.25 -30.24 -10.22
C ASP B 232 15.65 -28.95 -10.90
N ILE B 233 14.97 -27.85 -10.56
CA ILE B 233 15.16 -26.55 -11.19
C ILE B 233 15.52 -25.54 -10.10
N VAL B 234 16.68 -24.90 -10.22
CA VAL B 234 17.17 -23.93 -9.22
CA VAL B 234 17.11 -23.92 -9.22
C VAL B 234 17.22 -22.51 -9.80
N PHE B 235 16.70 -21.55 -9.05
CA PHE B 235 16.79 -20.14 -9.37
C PHE B 235 17.81 -19.48 -8.47
N ALA B 236 18.65 -18.65 -9.06
CA ALA B 236 19.69 -17.92 -8.35
C ALA B 236 19.89 -16.57 -9.00
N ASN B 237 20.33 -15.60 -8.22
CA ASN B 237 20.95 -14.43 -8.81
C ASN B 237 22.47 -14.57 -8.71
N ARG B 238 23.19 -13.59 -9.24
CA ARG B 238 24.64 -13.63 -9.26
C ARG B 238 25.25 -13.82 -7.86
N GLN B 239 24.80 -12.99 -6.92
CA GLN B 239 25.32 -13.01 -5.54
C GLN B 239 25.07 -14.36 -4.86
N GLU B 240 23.89 -14.93 -5.07
CA GLU B 240 23.55 -16.24 -4.51
C GLU B 240 24.40 -17.35 -5.10
N ALA B 241 24.63 -17.30 -6.40
CA ALA B 241 25.44 -18.33 -7.06
C ALA B 241 26.89 -18.28 -6.54
N LEU B 242 27.42 -17.07 -6.40
CA LEU B 242 28.76 -16.87 -5.85
C LEU B 242 28.83 -17.40 -4.40
N SER B 243 27.79 -17.08 -3.61
N SER B 243 27.81 -17.08 -3.61
CA SER B 243 27.71 -17.53 -2.23
CA SER B 243 27.75 -17.54 -2.22
C SER B 243 27.62 -19.05 -2.10
C SER B 243 27.64 -19.06 -2.11
N LEU B 244 26.92 -19.69 -3.04
CA LEU B 244 26.69 -21.13 -2.98
C LEU B 244 28.01 -21.91 -3.01
N TYR B 245 28.97 -21.40 -3.79
CA TYR B 245 30.27 -22.05 -3.95
C TYR B 245 31.41 -21.27 -3.28
N GLN B 246 31.05 -20.22 -2.54
CA GLN B 246 32.01 -19.35 -1.83
C GLN B 246 33.15 -18.91 -2.74
N THR B 247 32.76 -18.44 -3.93
CA THR B 247 33.71 -18.10 -4.97
C THR B 247 33.50 -16.66 -5.42
N ASP B 248 34.55 -16.02 -5.90
CA ASP B 248 34.35 -14.74 -6.60
C ASP B 248 34.38 -14.89 -8.13
N ASP B 249 34.46 -16.13 -8.59
CA ASP B 249 34.53 -16.43 -10.02
C ASP B 249 33.15 -16.87 -10.50
N PHE B 250 32.46 -15.96 -11.19
CA PHE B 250 31.10 -16.24 -11.66
C PHE B 250 31.06 -17.39 -12.68
N GLU B 251 32.08 -17.50 -13.52
CA GLU B 251 32.14 -18.59 -14.48
C GLU B 251 32.20 -19.95 -13.79
N GLU B 252 32.99 -20.04 -12.72
CA GLU B 252 33.06 -21.25 -11.90
C GLU B 252 31.71 -21.57 -11.29
N ALA B 253 31.08 -20.55 -10.70
CA ALA B 253 29.74 -20.70 -10.12
C ALA B 253 28.73 -21.26 -11.13
N LEU B 254 28.76 -20.77 -12.37
CA LEU B 254 27.85 -21.28 -13.41
C LEU B 254 28.18 -22.73 -13.77
N ASN B 255 29.46 -23.03 -13.95
CA ASN B 255 29.86 -24.40 -14.22
C ASN B 255 29.44 -25.38 -13.11
N ARG B 256 29.61 -24.95 -11.86
CA ARG B 256 29.28 -25.82 -10.73
C ARG B 256 27.77 -25.99 -10.56
N ILE B 257 27.03 -24.89 -10.70
CA ILE B 257 25.58 -24.99 -10.53
C ILE B 257 24.94 -25.87 -11.61
N ALA B 258 25.49 -25.83 -12.83
CA ALA B 258 25.03 -26.69 -13.92
C ALA B 258 25.28 -28.17 -13.62
N ALA B 259 26.36 -28.46 -12.89
CA ALA B 259 26.71 -29.83 -12.51
C ALA B 259 25.86 -30.34 -11.34
N ASP B 260 25.32 -29.41 -10.55
CA ASP B 260 24.58 -29.76 -9.32
C ASP B 260 23.06 -29.89 -9.44
N CYS B 261 22.48 -29.40 -10.54
CA CYS B 261 21.03 -29.50 -10.72
CA CYS B 261 21.03 -29.38 -10.73
C CYS B 261 20.70 -29.66 -12.20
N LYS B 262 19.48 -30.14 -12.47
CA LYS B 262 19.08 -30.44 -13.85
C LYS B 262 18.96 -29.18 -14.71
N ILE B 263 18.29 -28.17 -14.16
CA ILE B 263 18.16 -26.87 -14.82
C ILE B 263 18.45 -25.78 -13.78
N ALA B 264 19.27 -24.80 -14.17
CA ALA B 264 19.53 -23.63 -13.34
C ALA B 264 19.18 -22.38 -14.13
N ALA B 265 18.50 -21.45 -13.48
CA ALA B 265 18.19 -20.15 -14.07
C ALA B 265 18.84 -19.09 -13.20
N VAL B 266 19.83 -18.40 -13.75
CA VAL B 266 20.66 -17.47 -12.98
C VAL B 266 20.46 -16.05 -13.52
N THR B 267 19.94 -15.17 -12.67
CA THR B 267 19.68 -13.79 -13.10
C THR B 267 20.88 -12.91 -12.81
N SER B 269 20.62 -9.22 -12.87
CA SER B 269 20.04 -7.87 -12.83
C SER B 269 19.92 -7.25 -14.22
N GLU B 270 20.51 -6.07 -14.41
CA GLU B 270 20.44 -5.36 -15.70
C GLU B 270 21.11 -6.12 -16.86
N ASN B 271 21.90 -7.13 -16.52
CA ASN B 271 22.59 -7.97 -17.51
C ASN B 271 21.77 -9.16 -17.98
N GLY B 272 20.53 -9.23 -17.55
CA GLY B 272 19.60 -10.27 -18.01
C GLY B 272 19.76 -11.55 -17.23
N ALA B 273 19.78 -12.68 -17.94
CA ALA B 273 19.83 -13.98 -17.29
C ALA B 273 20.48 -15.03 -18.16
N VAL B 274 20.90 -16.13 -17.54
CA VAL B 274 21.40 -17.28 -18.26
C VAL B 274 20.71 -18.54 -17.75
N ILE B 275 20.21 -19.33 -18.68
CA ILE B 275 19.57 -20.60 -18.34
C ILE B 275 20.54 -21.73 -18.69
N LEU B 276 20.75 -22.64 -17.75
CA LEU B 276 21.70 -23.73 -17.91
C LEU B 276 21.01 -25.08 -17.80
N LYS B 277 21.32 -25.98 -18.73
CA LYS B 277 20.84 -27.36 -18.66
C LYS B 277 21.92 -28.29 -19.21
N GLY B 278 22.59 -29.01 -18.32
CA GLY B 278 23.72 -29.84 -18.71
C GLY B 278 24.81 -28.93 -19.27
N ARG B 279 25.14 -29.12 -20.55
CA ARG B 279 26.10 -28.28 -21.25
C ARG B 279 25.45 -27.10 -22.00
N GLU B 280 24.12 -27.12 -22.09
CA GLU B 280 23.37 -26.06 -22.80
C GLU B 280 23.38 -24.75 -21.98
N ARG B 281 23.61 -23.64 -22.66
CA ARG B 281 23.43 -22.31 -22.06
CA ARG B 281 23.45 -22.31 -22.06
C ARG B 281 22.59 -21.42 -22.97
N TYR B 282 21.62 -20.74 -22.37
CA TYR B 282 20.79 -19.80 -23.13
C TYR B 282 20.79 -18.44 -22.45
N TYR B 283 21.35 -17.44 -23.12
CA TYR B 283 21.44 -16.09 -22.58
C TYR B 283 20.25 -15.26 -23.01
N VAL B 284 19.66 -14.55 -22.05
CA VAL B 284 18.52 -13.68 -22.31
C VAL B 284 18.81 -12.27 -21.80
N ASN B 285 18.47 -11.26 -22.60
CA ASN B 285 18.65 -9.86 -22.21
C ASN B 285 17.56 -9.38 -21.24
N ALA B 286 17.91 -8.42 -20.38
CA ALA B 286 16.91 -7.71 -19.59
C ALA B 286 16.08 -6.83 -20.53
N ILE B 287 14.81 -6.63 -20.20
CA ILE B 287 13.96 -5.74 -20.99
C ILE B 287 14.38 -4.28 -20.74
N ARG B 288 14.11 -3.42 -21.73
CA ARG B 288 14.32 -2.00 -21.55
C ARG B 288 13.22 -1.49 -20.61
N ILE B 289 13.61 -0.62 -19.68
CA ILE B 289 12.70 -0.12 -18.66
C ILE B 289 12.66 1.40 -18.65
N ARG B 290 11.57 1.96 -18.13
CA ARG B 290 11.44 3.40 -17.97
C ARG B 290 12.39 3.88 -16.87
N GLU B 291 12.23 3.31 -15.67
CA GLU B 291 13.02 3.69 -14.51
C GLU B 291 12.85 2.63 -13.43
N VAL B 292 13.91 2.41 -12.63
CA VAL B 292 13.83 1.50 -11.48
C VAL B 292 13.22 2.26 -10.30
N VAL B 293 11.98 1.93 -9.99
CA VAL B 293 11.24 2.51 -8.88
C VAL B 293 11.59 1.75 -7.59
N ASP B 294 11.49 0.43 -7.65
CA ASP B 294 11.61 -0.43 -6.47
C ASP B 294 11.88 -1.86 -6.94
N THR B 295 13.06 -2.38 -6.64
CA THR B 295 13.45 -3.72 -7.12
C THR B 295 12.73 -4.89 -6.42
N THR B 296 11.94 -4.60 -5.38
CA THR B 296 11.28 -5.64 -4.61
C THR B 296 10.45 -6.53 -5.53
N GLY B 297 10.71 -7.83 -5.48
CA GLY B 297 9.96 -8.82 -6.25
C GLY B 297 10.58 -9.19 -7.57
N ALA B 298 11.68 -8.55 -7.95
CA ALA B 298 12.27 -8.81 -9.28
C ALA B 298 12.55 -10.30 -9.51
N GLY B 299 13.27 -10.91 -8.57
CA GLY B 299 13.56 -12.33 -8.68
C GLY B 299 12.31 -13.20 -8.62
N ASP B 300 11.35 -12.84 -7.76
CA ASP B 300 10.12 -13.61 -7.62
C ASP B 300 9.38 -13.68 -8.94
N LEU B 301 9.33 -12.53 -9.61
CA LEU B 301 8.57 -12.42 -10.86
C LEU B 301 9.35 -13.00 -12.04
N PHE B 302 10.69 -12.99 -11.97
CA PHE B 302 11.47 -13.77 -12.93
C PHE B 302 11.06 -15.25 -12.85
N ALA B 303 10.95 -15.77 -11.64
CA ALA B 303 10.50 -17.15 -11.46
C ALA B 303 9.06 -17.37 -11.97
N SER B 304 8.16 -16.41 -11.76
CA SER B 304 6.79 -16.50 -12.31
C SER B 304 6.81 -16.70 -13.82
N GLY B 305 7.53 -15.81 -14.52
CA GLY B 305 7.60 -15.84 -15.98
C GLY B 305 8.23 -17.13 -16.47
N PHE B 306 9.34 -17.52 -15.83
CA PHE B 306 10.03 -18.74 -16.21
C PHE B 306 9.15 -19.98 -16.05
N LEU B 307 8.56 -20.12 -14.86
CA LEU B 307 7.75 -21.30 -14.56
C LEU B 307 6.44 -21.33 -15.35
N TYR B 308 5.89 -20.16 -15.65
CA TYR B 308 4.73 -20.08 -16.54
C TYR B 308 5.12 -20.64 -17.90
N GLY B 309 6.23 -20.15 -18.43
CA GLY B 309 6.67 -20.60 -19.75
C GLY B 309 6.96 -22.10 -19.73
N TYR B 310 7.62 -22.55 -18.67
CA TYR B 310 8.05 -23.93 -18.51
C TYR B 310 6.85 -24.89 -18.54
N THR B 311 5.81 -24.53 -17.81
CA THR B 311 4.62 -25.35 -17.70
C THR B 311 3.68 -25.17 -18.88
N GLN B 312 3.98 -24.23 -19.78
CA GLN B 312 3.26 -24.11 -21.05
C GLN B 312 4.04 -24.77 -22.19
N GLY B 313 5.09 -25.50 -21.83
CA GLY B 313 5.90 -26.26 -22.79
C GLY B 313 6.83 -25.43 -23.66
N ARG B 314 7.15 -24.22 -23.23
CA ARG B 314 7.97 -23.30 -23.99
C ARG B 314 9.46 -23.64 -23.89
N SER B 315 10.24 -23.19 -24.87
CA SER B 315 11.69 -23.41 -24.87
C SER B 315 12.33 -22.70 -23.67
N LEU B 316 13.47 -23.21 -23.22
CA LEU B 316 14.16 -22.60 -22.08
C LEU B 316 14.51 -21.12 -22.33
N GLU B 317 14.90 -20.78 -23.57
CA GLU B 317 15.17 -19.39 -23.92
C GLU B 317 13.91 -18.53 -23.73
N ASP B 318 12.78 -19.02 -24.22
CA ASP B 318 11.50 -18.32 -24.09
C ASP B 318 11.03 -18.22 -22.63
N CYS B 319 11.32 -19.25 -21.84
CA CYS B 319 11.08 -19.19 -20.38
C CYS B 319 11.88 -18.04 -19.76
N GLY B 320 13.16 -17.94 -20.13
CA GLY B 320 13.99 -16.85 -19.68
C GLY B 320 13.45 -15.50 -20.13
N LYS B 321 12.98 -15.43 -21.38
CA LYS B 321 12.43 -14.18 -21.90
C LYS B 321 11.18 -13.76 -21.12
N LEU B 322 10.30 -14.71 -20.84
CA LEU B 322 9.11 -14.45 -20.05
C LEU B 322 9.45 -14.00 -18.62
N GLY B 323 10.47 -14.63 -18.03
CA GLY B 323 10.95 -14.23 -16.71
C GLY B 323 11.48 -12.81 -16.70
N CYS B 324 12.29 -12.46 -17.72
CA CYS B 324 12.85 -11.12 -17.77
C CYS B 324 11.76 -10.06 -17.98
N LEU B 325 10.75 -10.42 -18.77
CA LEU B 325 9.62 -9.51 -18.99
C LEU B 325 8.90 -9.21 -17.67
N ALA B 326 8.55 -10.27 -16.96
CA ALA B 326 7.82 -10.11 -15.71
C ALA B 326 8.64 -9.36 -14.65
N ALA B 327 9.93 -9.69 -14.54
CA ALA B 327 10.83 -8.99 -13.62
C ALA B 327 10.98 -7.50 -13.95
N GLY B 328 11.18 -7.20 -15.23
CA GLY B 328 11.29 -5.81 -15.68
C GLY B 328 10.06 -4.98 -15.37
N ILE B 329 8.89 -5.61 -15.45
CA ILE B 329 7.62 -4.94 -15.14
C ILE B 329 7.54 -4.61 -13.64
N VAL B 330 7.88 -5.58 -12.79
CA VAL B 330 7.64 -5.36 -11.36
C VAL B 330 8.55 -4.29 -10.76
N ILE B 331 9.75 -4.11 -11.32
CA ILE B 331 10.68 -3.15 -10.75
C ILE B 331 10.32 -1.70 -11.09
N GLN B 332 9.31 -1.53 -11.93
CA GLN B 332 8.86 -0.20 -12.35
C GLN B 332 7.63 0.26 -11.57
N GLN B 333 7.34 -0.41 -10.47
CA GLN B 333 6.20 -0.04 -9.62
C GLN B 333 6.57 -0.22 -8.15
N ILE B 334 5.81 0.45 -7.28
CA ILE B 334 5.87 0.19 -5.85
C ILE B 334 5.04 -1.06 -5.60
N GLY B 335 5.54 -1.94 -4.76
CA GLY B 335 4.82 -3.18 -4.46
C GLY B 335 5.41 -4.36 -5.22
N PRO B 336 5.37 -5.54 -4.61
CA PRO B 336 6.10 -6.69 -5.16
C PRO B 336 5.31 -7.57 -6.13
N ARG B 337 4.05 -7.21 -6.39
CA ARG B 337 3.22 -7.99 -7.28
C ARG B 337 2.67 -7.05 -8.33
N PRO B 338 2.96 -7.33 -9.62
CA PRO B 338 2.52 -6.41 -10.68
C PRO B 338 1.02 -6.12 -10.63
N THR B 340 -0.52 -4.54 -13.03
CA THR B 340 -0.96 -4.53 -14.44
C THR B 340 -0.98 -5.95 -14.97
N SER B 341 -1.58 -6.14 -16.15
CA SER B 341 -1.71 -7.47 -16.73
C SER B 341 -0.43 -7.96 -17.38
N LEU B 342 0.12 -9.03 -16.82
CA LEU B 342 1.32 -9.64 -17.35
C LEU B 342 1.03 -10.42 -18.62
N SER B 343 -0.16 -11.01 -18.71
CA SER B 343 -0.57 -11.73 -19.90
C SER B 343 -0.68 -10.77 -21.10
N GLU B 344 -1.25 -9.58 -20.88
CA GLU B 344 -1.33 -8.55 -21.92
C GLU B 344 0.05 -8.05 -22.32
N ALA B 345 0.93 -7.87 -21.33
CA ALA B 345 2.30 -7.44 -21.58
C ALA B 345 3.08 -8.48 -22.40
N ALA B 346 2.91 -9.75 -22.06
CA ALA B 346 3.50 -10.85 -22.83
C ALA B 346 3.03 -10.90 -24.29
N LYS B 347 1.73 -10.69 -24.49
CA LYS B 347 1.13 -10.64 -25.81
C LYS B 347 1.71 -9.50 -26.64
N GLN B 348 1.79 -8.31 -26.02
CA GLN B 348 2.32 -7.12 -26.67
C GLN B 348 3.80 -7.27 -27.05
N ALA B 349 4.56 -7.94 -26.18
CA ALA B 349 5.99 -8.17 -26.40
C ALA B 349 6.27 -9.34 -27.36
N GLY B 350 5.20 -9.94 -27.87
CA GLY B 350 5.30 -11.04 -28.84
C GLY B 350 5.77 -12.36 -28.23
N LEU B 351 5.58 -12.53 -26.92
CA LEU B 351 6.03 -13.75 -26.25
C LEU B 351 4.94 -14.80 -26.13
N ILE B 352 3.67 -14.37 -26.10
CA ILE B 352 2.54 -15.30 -26.17
C ILE B 352 1.52 -14.83 -27.21
#